data_4XYX
#
_entry.id   4XYX
#
_cell.length_a   75.603
_cell.length_b   82.648
_cell.length_c   116.320
_cell.angle_alpha   90.000
_cell.angle_beta   90.000
_cell.angle_gamma   90.000
#
_symmetry.space_group_name_H-M   'P 21 21 21'
#
loop_
_entity.id
_entity.type
_entity.pdbx_description
1 polymer 'Sialidase B'
2 non-polymer Optactamide
3 non-polymer 'PHOSPHATE ION'
4 water water
#
_entity_poly.entity_id   1
_entity_poly.type   'polypeptide(L)'
_entity_poly.pdbx_seq_one_letter_code
;SPIFQGGSYQLNNKSIDISSLLLDKLSGESQTVVMKFKADKPNSLQALFGLSNSKAGFKNNYFSIFMRDSGEIGVEIRDA
QKGINYLFSRPASLWGKHKGQAVENTLVFVSDSKDKTYTMYVNGIEVFSETVDTFLPISNINGIDKATLGAVNREGKEHY
LAKGSIDEISLFNKAISDQEVSTIPLSNPFQLIFQSGDSTQANYFRIPTLYTLSSGRVLSSIDARYGGTHDSKSKINIAT
SYSDDNGKTWSEPIFAMKFNDYEEQLVYWPRDNKLKNSQISGSASFIDSSIVEDKKSGKTILLADVMPAGIGNNNANKAD
SGFKEINGHYYLKLKKNGDNDFRYTVRENGVVYNETTNKPTNYTINDKYEVLEGGKSLTVEQYSVDFDSGSLRERHNGKQ
VPMNVFYKDSLFKVTPTNYIAMTTSQNRGESWEQFKLLPPFLGEKHNGTYLCPGQGLALKSSNRLIFATYTSGELTYLIS
DDSGQTWKKSSASIPFKNATAEAQMVELRDGVIRTFFRTTTGKIAYMTSRDSGETWSKVSYIDGIQQTSYGTQVSAIKYS
QLIDGKEAVILSTPNSRSGRKGGQLVVGLVNKEDDSIDWKYHYGIDLPSYGYAYSAITELPNHHIGVLFEKYDSWSRNEL
HLSNVVQYIDLEINDLTKLE
;
_entity_poly.pdbx_strand_id   A
#
# COMPACT_ATOMS: atom_id res chain seq x y z
N SER A 1 -33.19 13.26 -14.01
CA SER A 1 -33.71 12.03 -14.66
C SER A 1 -33.71 10.72 -13.84
N PRO A 2 -33.46 10.76 -12.50
CA PRO A 2 -33.64 9.44 -11.86
C PRO A 2 -35.12 9.11 -11.81
N ILE A 3 -35.48 7.85 -11.99
CA ILE A 3 -36.90 7.51 -11.86
C ILE A 3 -37.41 7.79 -10.45
N PHE A 4 -36.54 7.73 -9.45
CA PHE A 4 -36.94 7.99 -8.05
C PHE A 4 -35.83 8.68 -7.25
N GLN A 5 -36.17 9.42 -6.20
CA GLN A 5 -35.21 10.25 -5.45
C GLN A 5 -35.81 10.75 -4.13
N GLY A 6 -35.06 10.58 -3.04
CA GLY A 6 -35.43 11.00 -1.67
C GLY A 6 -34.16 11.19 -0.81
N GLY A 7 -34.29 11.68 0.40
CA GLY A 7 -33.10 11.98 1.14
C GLY A 7 -33.50 12.43 2.50
N SER A 8 -32.50 12.73 3.35
CA SER A 8 -32.66 12.93 4.79
C SER A 8 -33.44 11.74 5.36
N TYR A 9 -32.96 10.52 5.19
CA TYR A 9 -33.51 9.39 5.95
C TYR A 9 -32.64 9.00 7.12
N GLN A 10 -33.18 9.04 8.35
CA GLN A 10 -32.40 8.65 9.52
C GLN A 10 -32.62 7.18 9.73
N LEU A 11 -31.55 6.38 9.85
CA LEU A 11 -31.68 4.92 10.09
C LEU A 11 -31.33 4.66 11.52
N ASN A 12 -32.33 4.40 12.33
CA ASN A 12 -32.08 4.26 13.76
C ASN A 12 -32.54 2.91 14.20
N ASN A 13 -31.96 1.87 13.62
CA ASN A 13 -32.46 0.49 13.92
C ASN A 13 -33.98 0.35 13.67
N LYS A 14 -34.47 0.88 12.55
CA LYS A 14 -35.85 0.82 12.30
C LYS A 14 -36.03 1.10 10.85
N SER A 15 -36.49 0.08 10.13
CA SER A 15 -36.55 0.20 8.70
C SER A 15 -37.57 1.25 8.26
N ILE A 16 -37.35 1.77 7.07
CA ILE A 16 -38.25 2.71 6.45
C ILE A 16 -38.75 2.07 5.14
N ASP A 17 -40.08 1.92 5.04
CA ASP A 17 -40.72 1.33 3.85
C ASP A 17 -40.95 2.40 2.80
N ILE A 18 -40.42 2.19 1.58
CA ILE A 18 -40.54 3.16 0.50
C ILE A 18 -41.20 2.43 -0.69
N SER A 19 -41.89 1.32 -0.37
CA SER A 19 -42.54 0.56 -1.45
C SER A 19 -43.39 1.42 -2.41
N SER A 20 -44.23 2.27 -1.85
CA SER A 20 -45.22 2.94 -2.68
C SER A 20 -44.59 4.07 -3.50
N LEU A 21 -43.43 4.56 -3.07
CA LEU A 21 -42.73 5.54 -3.88
C LEU A 21 -41.98 4.88 -5.03
N LEU A 22 -41.58 3.62 -4.85
CA LEU A 22 -40.62 3.04 -5.78
C LEU A 22 -41.09 1.83 -6.59
N LEU A 23 -41.86 0.92 -5.98
CA LEU A 23 -42.13 -0.33 -6.73
C LEU A 23 -42.84 -0.19 -8.07
N ASP A 24 -43.67 0.81 -8.28
CA ASP A 24 -44.31 0.85 -9.59
C ASP A 24 -43.40 1.46 -10.62
N LYS A 25 -42.24 1.93 -10.16
CA LYS A 25 -41.38 2.67 -11.02
C LYS A 25 -40.22 1.87 -11.47
N LEU A 26 -39.97 0.70 -10.85
CA LEU A 26 -38.93 -0.21 -11.24
C LEU A 26 -39.36 -0.83 -12.55
N SER A 27 -38.49 -0.74 -13.55
N SER A 27 -38.46 -0.80 -13.54
CA SER A 27 -38.89 -1.08 -14.88
CA SER A 27 -38.86 -1.11 -14.87
C SER A 27 -37.69 -1.49 -15.68
C SER A 27 -37.67 -1.49 -15.68
N GLY A 28 -37.86 -2.54 -16.48
CA GLY A 28 -36.78 -3.10 -17.27
C GLY A 28 -35.76 -3.87 -16.42
N GLU A 29 -34.72 -4.36 -17.04
CA GLU A 29 -33.84 -5.29 -16.35
C GLU A 29 -32.50 -4.68 -15.86
N SER A 30 -32.32 -3.38 -16.06
CA SER A 30 -31.09 -2.68 -15.69
C SER A 30 -31.41 -1.58 -14.71
N GLN A 31 -30.66 -1.56 -13.60
CA GLN A 31 -30.85 -0.51 -12.62
C GLN A 31 -29.48 0.04 -12.17
N THR A 32 -29.44 1.33 -11.81
CA THR A 32 -28.37 1.94 -11.06
C THR A 32 -28.98 2.56 -9.82
N VAL A 33 -28.41 2.28 -8.63
CA VAL A 33 -28.72 2.95 -7.32
C VAL A 33 -27.56 3.87 -6.97
N VAL A 34 -27.81 5.12 -6.65
CA VAL A 34 -26.83 6.10 -6.16
C VAL A 34 -27.27 6.42 -4.76
N MET A 35 -26.39 6.35 -3.78
CA MET A 35 -26.77 6.52 -2.39
C MET A 35 -25.62 7.28 -1.75
N LYS A 36 -25.95 8.41 -1.12
CA LYS A 36 -25.04 9.23 -0.34
C LYS A 36 -25.43 8.96 1.10
N PHE A 37 -24.50 8.40 1.86
CA PHE A 37 -24.86 7.92 3.18
C PHE A 37 -23.72 8.07 4.17
N LYS A 38 -24.11 8.19 5.45
CA LYS A 38 -23.16 8.25 6.59
C LYS A 38 -23.39 7.06 7.47
N ALA A 39 -22.32 6.56 8.08
CA ALA A 39 -22.43 5.48 9.05
C ALA A 39 -21.17 5.50 9.87
N ASP A 40 -21.23 6.25 10.97
CA ASP A 40 -20.12 6.36 11.91
C ASP A 40 -20.31 5.45 13.10
N LYS A 41 -21.45 4.82 13.24
CA LYS A 41 -21.55 3.84 14.32
C LYS A 41 -22.31 2.64 13.85
N PRO A 42 -21.84 1.98 12.76
CA PRO A 42 -22.67 0.94 12.12
C PRO A 42 -22.82 -0.26 13.07
N ASN A 43 -23.91 -0.99 12.97
CA ASN A 43 -23.98 -2.39 13.52
C ASN A 43 -23.00 -3.28 12.79
N SER A 44 -22.75 -4.47 13.29
CA SER A 44 -21.67 -5.18 12.67
C SER A 44 -21.99 -5.71 11.26
N LEU A 45 -23.28 -6.03 11.00
CA LEU A 45 -23.76 -6.25 9.64
C LEU A 45 -25.09 -5.50 9.42
N GLN A 46 -25.20 -4.71 8.37
CA GLN A 46 -26.50 -3.96 8.24
C GLN A 46 -26.86 -3.66 6.79
N ALA A 47 -28.15 -3.71 6.45
CA ALA A 47 -28.58 -3.44 5.09
C ALA A 47 -28.87 -1.96 5.00
N LEU A 48 -28.36 -1.36 3.93
CA LEU A 48 -28.67 0.01 3.62
C LEU A 48 -29.96 0.08 2.84
N PHE A 49 -30.14 -0.85 1.89
CA PHE A 49 -31.25 -0.82 0.98
C PHE A 49 -31.67 -2.27 0.71
N GLY A 50 -32.98 -2.56 0.74
CA GLY A 50 -33.50 -3.88 0.43
C GLY A 50 -34.66 -3.82 -0.59
N LEU A 51 -34.69 -4.74 -1.53
CA LEU A 51 -35.87 -5.00 -2.33
C LEU A 51 -36.20 -6.46 -2.10
N SER A 52 -37.38 -6.76 -1.58
CA SER A 52 -37.63 -8.19 -1.29
C SER A 52 -39.04 -8.67 -1.57
N ASN A 53 -39.13 -9.99 -1.76
CA ASN A 53 -40.37 -10.69 -1.54
C ASN A 53 -40.49 -10.84 -0.03
N SER A 54 -41.43 -10.12 0.54
CA SER A 54 -41.64 -10.16 1.99
C SER A 54 -42.61 -11.30 2.49
N LYS A 55 -43.05 -12.20 1.61
CA LYS A 55 -44.12 -13.21 1.96
C LYS A 55 -43.52 -14.43 2.66
N ALA A 56 -44.28 -15.07 3.55
CA ALA A 56 -43.86 -16.35 4.19
C ALA A 56 -43.41 -17.30 3.12
N GLY A 57 -42.33 -18.02 3.36
CA GLY A 57 -41.86 -19.04 2.45
C GLY A 57 -40.94 -18.44 1.40
N PHE A 58 -40.74 -17.11 1.40
CA PHE A 58 -39.87 -16.59 0.34
C PHE A 58 -38.69 -15.77 0.90
N LYS A 59 -38.21 -16.15 2.08
CA LYS A 59 -37.25 -15.34 2.76
C LYS A 59 -35.91 -15.24 1.99
N ASN A 60 -35.70 -16.07 0.97
CA ASN A 60 -34.44 -16.01 0.22
C ASN A 60 -34.66 -15.42 -1.14
N ASN A 61 -35.70 -14.57 -1.20
CA ASN A 61 -35.95 -13.83 -2.43
C ASN A 61 -35.77 -12.33 -2.27
N TYR A 62 -34.55 -11.84 -2.50
CA TYR A 62 -34.30 -10.43 -2.19
C TYR A 62 -33.01 -9.92 -2.80
N PHE A 63 -32.96 -8.61 -3.02
CA PHE A 63 -31.74 -7.91 -3.32
C PHE A 63 -31.40 -7.01 -2.14
N SER A 64 -30.13 -6.98 -1.74
CA SER A 64 -29.74 -5.99 -0.67
C SER A 64 -28.43 -5.27 -1.01
N ILE A 65 -28.28 -4.03 -0.56
CA ILE A 65 -26.96 -3.40 -0.45
C ILE A 65 -26.64 -3.39 1.03
N PHE A 66 -25.52 -4.05 1.43
CA PHE A 66 -25.18 -4.14 2.85
C PHE A 66 -23.77 -3.64 3.16
N MET A 67 -23.54 -3.36 4.45
CA MET A 67 -22.21 -3.06 4.91
C MET A 67 -21.88 -3.78 6.21
N ARG A 68 -20.59 -3.83 6.58
CA ARG A 68 -20.15 -4.39 7.86
C ARG A 68 -19.42 -3.26 8.57
N ASP A 69 -19.23 -3.43 9.89
CA ASP A 69 -18.47 -2.44 10.69
C ASP A 69 -16.94 -2.54 10.51
N SER A 70 -16.49 -3.43 9.62
CA SER A 70 -15.12 -3.50 9.21
C SER A 70 -14.91 -2.56 7.97
N GLY A 71 -15.99 -1.93 7.47
CA GLY A 71 -15.94 -1.09 6.24
C GLY A 71 -16.16 -1.82 4.92
N GLU A 72 -16.41 -3.15 5.02
CA GLU A 72 -16.83 -3.90 3.85
C GLU A 72 -18.17 -3.37 3.26
N ILE A 73 -18.29 -3.45 1.94
CA ILE A 73 -19.55 -3.12 1.29
C ILE A 73 -19.90 -4.32 0.40
N GLY A 74 -21.17 -4.57 0.18
CA GLY A 74 -21.56 -5.65 -0.71
C GLY A 74 -23.01 -5.68 -1.12
N VAL A 75 -23.34 -6.59 -2.05
CA VAL A 75 -24.74 -6.86 -2.41
C VAL A 75 -25.05 -8.34 -2.32
N GLU A 76 -26.31 -8.63 -1.98
CA GLU A 76 -26.86 -9.97 -2.24
C GLU A 76 -27.95 -9.86 -3.29
N ILE A 77 -28.06 -10.90 -4.08
CA ILE A 77 -29.03 -10.95 -5.14
C ILE A 77 -29.48 -12.43 -5.17
N ARG A 78 -30.70 -12.66 -4.67
CA ARG A 78 -31.16 -14.03 -4.41
C ARG A 78 -32.59 -14.23 -4.90
N ASP A 79 -32.80 -15.34 -5.56
CA ASP A 79 -34.13 -15.78 -6.03
C ASP A 79 -34.20 -17.32 -5.91
N ALA A 80 -34.94 -17.82 -4.92
CA ALA A 80 -34.99 -19.30 -4.70
C ALA A 80 -35.63 -20.13 -5.84
N GLN A 81 -36.60 -19.58 -6.57
CA GLN A 81 -37.17 -20.30 -7.70
C GLN A 81 -36.21 -20.33 -8.91
N LYS A 82 -35.26 -19.38 -8.99
CA LYS A 82 -34.32 -19.46 -10.13
C LYS A 82 -33.06 -20.20 -9.75
N GLY A 83 -32.97 -20.63 -8.50
CA GLY A 83 -31.77 -21.22 -7.90
C GLY A 83 -30.53 -20.35 -7.86
N ILE A 84 -30.69 -19.03 -7.74
CA ILE A 84 -29.59 -18.05 -7.72
C ILE A 84 -29.39 -17.46 -6.34
N ASN A 85 -28.14 -17.48 -5.87
CA ASN A 85 -27.77 -16.83 -4.61
C ASN A 85 -26.46 -16.06 -4.78
N TYR A 86 -26.51 -14.85 -5.30
CA TYR A 86 -25.28 -14.20 -5.65
C TYR A 86 -24.85 -13.35 -4.45
N LEU A 87 -23.57 -13.31 -4.15
CA LEU A 87 -23.12 -12.38 -3.10
C LEU A 87 -21.83 -11.75 -3.63
N PHE A 88 -21.79 -10.44 -3.82
CA PHE A 88 -20.52 -9.85 -4.26
C PHE A 88 -20.18 -8.84 -3.17
N SER A 89 -18.91 -8.78 -2.73
CA SER A 89 -18.55 -7.76 -1.71
C SER A 89 -17.04 -7.38 -1.80
N ARG A 90 -16.68 -6.29 -1.17
CA ARG A 90 -15.24 -6.02 -0.95
C ARG A 90 -14.99 -5.39 0.41
N PRO A 91 -14.04 -5.96 1.15
CA PRO A 91 -13.61 -5.37 2.44
C PRO A 91 -13.09 -3.94 2.21
N ALA A 92 -12.97 -3.13 3.29
CA ALA A 92 -12.22 -1.87 3.30
C ALA A 92 -12.73 -0.94 2.18
N SER A 93 -14.06 -0.79 2.06
CA SER A 93 -14.61 0.03 0.98
C SER A 93 -15.11 1.39 1.44
N LEU A 94 -15.12 1.68 2.75
CA LEU A 94 -15.83 2.89 3.22
C LEU A 94 -14.98 3.81 4.08
N TRP A 95 -15.43 5.05 4.24
CA TRP A 95 -15.00 5.98 5.30
C TRP A 95 -16.05 6.07 6.36
N GLY A 96 -15.65 6.34 7.61
CA GLY A 96 -16.56 6.38 8.78
C GLY A 96 -16.65 7.86 9.21
N LYS A 97 -15.52 8.40 9.62
CA LYS A 97 -15.38 9.78 10.15
C LYS A 97 -14.07 10.40 9.66
N HIS A 98 -14.07 11.72 9.58
CA HIS A 98 -12.86 12.44 9.22
C HIS A 98 -12.96 13.80 9.90
N LYS A 99 -11.91 14.18 10.66
CA LYS A 99 -11.91 15.44 11.46
C LYS A 99 -13.14 15.63 12.35
N GLY A 100 -13.49 14.59 13.08
CA GLY A 100 -14.64 14.63 13.99
C GLY A 100 -16.00 14.67 13.33
N GLN A 101 -16.09 14.40 12.02
CA GLN A 101 -17.42 14.37 11.40
C GLN A 101 -17.67 13.14 10.55
N ALA A 102 -18.91 12.65 10.51
CA ALA A 102 -19.27 11.54 9.65
C ALA A 102 -19.09 11.89 8.18
N VAL A 103 -18.42 11.01 7.46
CA VAL A 103 -18.12 11.20 6.03
C VAL A 103 -19.31 10.79 5.21
N GLU A 104 -19.61 11.59 4.19
CA GLU A 104 -20.65 11.21 3.31
C GLU A 104 -20.04 10.36 2.23
N ASN A 105 -20.22 9.05 2.34
CA ASN A 105 -19.88 8.11 1.30
C ASN A 105 -20.82 8.18 0.12
N THR A 106 -20.29 8.04 -1.12
CA THR A 106 -21.11 8.06 -2.29
C THR A 106 -20.99 6.70 -2.97
N LEU A 107 -22.09 5.96 -2.96
CA LEU A 107 -22.12 4.62 -3.44
C LEU A 107 -22.88 4.54 -4.78
N VAL A 108 -22.35 3.81 -5.77
CA VAL A 108 -23.01 3.67 -7.04
C VAL A 108 -22.98 2.22 -7.43
N PHE A 109 -24.16 1.64 -7.52
CA PHE A 109 -24.28 0.23 -7.88
C PHE A 109 -25.00 0.09 -9.21
N VAL A 110 -24.36 -0.57 -10.15
CA VAL A 110 -24.89 -0.72 -11.48
C VAL A 110 -25.20 -2.17 -11.75
N SER A 111 -26.48 -2.45 -12.09
CA SER A 111 -26.95 -3.78 -12.42
C SER A 111 -27.31 -3.79 -13.92
N ASP A 112 -26.38 -4.27 -14.73
CA ASP A 112 -26.43 -4.14 -16.20
C ASP A 112 -26.80 -5.47 -16.90
N SER A 113 -28.08 -5.61 -17.29
CA SER A 113 -28.51 -6.87 -17.99
C SER A 113 -27.87 -7.04 -19.37
N LYS A 114 -27.55 -5.96 -20.05
CA LYS A 114 -26.99 -6.15 -21.39
C LYS A 114 -25.62 -6.82 -21.30
N ASP A 115 -24.75 -6.36 -20.39
CA ASP A 115 -23.42 -6.94 -20.24
C ASP A 115 -23.38 -8.05 -19.24
N LYS A 116 -24.53 -8.34 -18.64
CA LYS A 116 -24.72 -9.27 -17.55
C LYS A 116 -23.70 -9.05 -16.43
N THR A 117 -23.54 -7.81 -16.00
CA THR A 117 -22.47 -7.38 -15.07
C THR A 117 -23.02 -6.60 -13.88
N TYR A 118 -22.47 -6.81 -12.66
CA TYR A 118 -22.82 -5.99 -11.49
C TYR A 118 -21.54 -5.26 -11.06
N THR A 119 -21.61 -3.96 -10.85
CA THR A 119 -20.43 -3.21 -10.58
C THR A 119 -20.77 -2.31 -9.45
N MET A 120 -19.88 -2.23 -8.48
CA MET A 120 -20.09 -1.32 -7.28
C MET A 120 -18.97 -0.35 -7.24
N TYR A 121 -19.32 0.91 -6.99
CA TYR A 121 -18.34 1.97 -6.81
C TYR A 121 -18.62 2.59 -5.48
N VAL A 122 -17.56 2.97 -4.76
CA VAL A 122 -17.77 3.74 -3.54
C VAL A 122 -16.72 4.82 -3.50
N ASN A 123 -17.16 6.07 -3.34
CA ASN A 123 -16.26 7.21 -3.30
C ASN A 123 -15.38 7.35 -4.52
N GLY A 124 -15.98 7.00 -5.67
CA GLY A 124 -15.34 7.14 -6.95
C GLY A 124 -14.34 6.06 -7.27
N ILE A 125 -14.40 4.97 -6.49
CA ILE A 125 -13.50 3.82 -6.66
C ILE A 125 -14.37 2.61 -6.99
N GLU A 126 -13.97 1.87 -8.03
CA GLU A 126 -14.69 0.67 -8.37
C GLU A 126 -14.24 -0.38 -7.40
N VAL A 127 -15.13 -0.98 -6.62
CA VAL A 127 -14.65 -1.97 -5.67
C VAL A 127 -14.98 -3.42 -6.10
N PHE A 128 -15.97 -3.67 -6.96
CA PHE A 128 -16.00 -5.00 -7.58
C PHE A 128 -16.75 -4.85 -8.87
N SER A 129 -16.54 -5.77 -9.81
CA SER A 129 -17.28 -5.73 -11.09
C SER A 129 -17.30 -7.16 -11.64
N GLU A 130 -18.45 -7.80 -11.53
CA GLU A 130 -18.59 -9.25 -11.76
C GLU A 130 -19.61 -9.54 -12.87
N THR A 131 -19.16 -10.29 -13.86
CA THR A 131 -19.95 -10.80 -14.98
C THR A 131 -20.40 -12.22 -14.64
N VAL A 132 -21.68 -12.50 -14.88
CA VAL A 132 -22.26 -13.79 -14.55
C VAL A 132 -22.81 -14.51 -15.82
N ASP A 133 -22.87 -15.83 -15.78
CA ASP A 133 -23.54 -16.56 -16.86
C ASP A 133 -25.04 -16.29 -16.86
N THR A 134 -25.69 -16.45 -15.70
CA THR A 134 -27.16 -16.25 -15.59
C THR A 134 -27.46 -14.94 -14.86
N PHE A 135 -27.78 -13.90 -15.64
CA PHE A 135 -28.06 -12.61 -15.03
C PHE A 135 -29.40 -12.59 -14.24
N LEU A 136 -29.41 -12.01 -13.04
CA LEU A 136 -30.62 -11.80 -12.23
C LEU A 136 -30.93 -10.28 -12.09
N PRO A 137 -31.81 -9.74 -12.97
CA PRO A 137 -32.21 -8.33 -12.83
C PRO A 137 -32.72 -8.16 -11.45
N ILE A 138 -32.41 -7.04 -10.80
CA ILE A 138 -32.83 -6.90 -9.40
C ILE A 138 -34.38 -6.73 -9.28
N SER A 139 -35.01 -6.27 -10.36
CA SER A 139 -36.47 -6.11 -10.37
C SER A 139 -37.18 -7.40 -10.78
N ASN A 140 -36.45 -8.47 -11.08
CA ASN A 140 -37.05 -9.74 -11.52
C ASN A 140 -37.01 -10.82 -10.51
N ILE A 141 -36.62 -10.47 -9.30
CA ILE A 141 -36.66 -11.44 -8.23
C ILE A 141 -38.11 -11.83 -8.03
N ASN A 142 -38.40 -13.12 -8.04
CA ASN A 142 -39.79 -13.57 -8.00
C ASN A 142 -40.63 -13.04 -6.81
N GLY A 143 -41.70 -12.31 -7.10
CA GLY A 143 -42.59 -11.93 -6.00
C GLY A 143 -42.19 -10.73 -5.12
N ILE A 144 -41.22 -9.94 -5.58
CA ILE A 144 -40.82 -8.70 -4.88
C ILE A 144 -42.03 -7.79 -4.59
N ASP A 145 -42.17 -7.32 -3.35
CA ASP A 145 -43.32 -6.49 -2.99
C ASP A 145 -42.99 -5.49 -1.90
N LYS A 146 -41.72 -5.39 -1.53
CA LYS A 146 -41.22 -4.39 -0.57
C LYS A 146 -39.92 -3.73 -1.03
N ALA A 147 -39.81 -2.42 -0.83
CA ALA A 147 -38.56 -1.69 -0.92
C ALA A 147 -38.35 -1.05 0.41
N THR A 148 -37.14 -1.23 0.95
CA THR A 148 -36.81 -0.86 2.35
C THR A 148 -35.48 -0.14 2.46
N LEU A 149 -35.44 0.85 3.33
CA LEU A 149 -34.15 1.44 3.74
C LEU A 149 -33.80 1.02 5.14
N GLY A 150 -32.53 0.69 5.37
CA GLY A 150 -32.07 0.36 6.74
C GLY A 150 -32.51 -1.02 7.20
N ALA A 151 -33.01 -1.85 6.31
CA ALA A 151 -33.20 -3.28 6.60
C ALA A 151 -33.60 -3.98 5.33
N VAL A 152 -33.76 -5.29 5.46
CA VAL A 152 -34.44 -6.13 4.49
C VAL A 152 -35.68 -6.74 5.18
N ASN A 153 -36.84 -6.63 4.53
CA ASN A 153 -38.10 -7.23 5.03
C ASN A 153 -38.16 -8.69 4.54
N ARG A 154 -38.04 -9.65 5.46
CA ARG A 154 -38.18 -11.06 5.07
C ARG A 154 -39.29 -11.70 5.90
N GLU A 155 -40.26 -12.32 5.21
CA GLU A 155 -41.44 -12.89 5.87
C GLU A 155 -42.03 -11.85 6.80
N GLY A 156 -41.97 -10.57 6.44
CA GLY A 156 -42.69 -9.58 7.25
C GLY A 156 -41.91 -9.18 8.45
N LYS A 157 -40.64 -9.58 8.53
CA LYS A 157 -39.86 -9.10 9.73
C LYS A 157 -38.61 -8.33 9.26
N GLU A 158 -38.08 -7.45 10.11
CA GLU A 158 -36.90 -6.67 9.72
C GLU A 158 -35.65 -7.52 9.90
N HIS A 159 -34.77 -7.53 8.92
CA HIS A 159 -33.48 -8.22 9.08
C HIS A 159 -32.42 -7.22 8.79
N TYR A 160 -31.26 -7.35 9.45
CA TYR A 160 -30.07 -6.52 9.05
C TYR A 160 -30.29 -5.07 9.33
N LEU A 161 -30.83 -4.76 10.53
CA LEU A 161 -31.17 -3.43 10.89
C LEU A 161 -29.94 -2.52 10.84
N ALA A 162 -30.10 -1.34 10.27
CA ALA A 162 -28.98 -0.38 10.22
C ALA A 162 -29.05 0.80 11.18
N LYS A 163 -27.84 1.29 11.58
CA LYS A 163 -27.62 2.62 12.21
C LYS A 163 -26.83 3.46 11.22
N GLY A 164 -27.40 4.58 10.82
CA GLY A 164 -26.72 5.51 9.98
C GLY A 164 -27.71 6.46 9.37
N SER A 165 -27.38 7.01 8.21
CA SER A 165 -28.30 7.94 7.60
C SER A 165 -28.06 7.91 6.13
N ILE A 166 -29.14 7.98 5.37
CA ILE A 166 -29.05 8.08 3.94
C ILE A 166 -29.49 9.52 3.58
N ASP A 167 -28.54 10.42 3.34
CA ASP A 167 -28.82 11.83 2.97
C ASP A 167 -29.48 11.92 1.62
N GLU A 168 -29.14 11.03 0.71
CA GLU A 168 -29.70 11.02 -0.66
C GLU A 168 -29.72 9.61 -1.31
N ILE A 169 -30.84 9.18 -1.90
CA ILE A 169 -30.94 7.91 -2.64
C ILE A 169 -31.71 8.16 -3.93
N SER A 170 -31.10 7.74 -5.03
CA SER A 170 -31.71 7.86 -6.36
C SER A 170 -31.64 6.52 -7.03
N LEU A 171 -32.68 6.21 -7.82
CA LEU A 171 -32.71 5.04 -8.67
C LEU A 171 -33.00 5.37 -10.14
N PHE A 172 -32.24 4.76 -11.03
CA PHE A 172 -32.42 4.90 -12.46
C PHE A 172 -32.71 3.51 -13.02
N ASN A 173 -33.48 3.46 -14.11
CA ASN A 173 -33.90 2.23 -14.80
C ASN A 173 -33.02 2.11 -15.99
N LYS A 174 -31.74 2.34 -15.73
CA LYS A 174 -30.72 2.20 -16.71
C LYS A 174 -29.39 1.77 -15.97
N ALA A 175 -28.53 1.04 -16.66
CA ALA A 175 -27.13 0.86 -16.25
C ALA A 175 -26.33 2.07 -16.76
N ILE A 176 -26.11 3.09 -15.89
CA ILE A 176 -25.33 4.30 -16.29
C ILE A 176 -23.88 3.92 -16.69
N SER A 177 -23.29 4.55 -17.70
CA SER A 177 -21.93 4.17 -18.18
C SER A 177 -20.83 4.57 -17.20
N ASP A 178 -19.69 3.91 -17.30
CA ASP A 178 -18.48 4.28 -16.53
C ASP A 178 -18.31 5.80 -16.51
N GLN A 179 -18.31 6.40 -17.68
CA GLN A 179 -18.07 7.83 -17.78
C GLN A 179 -19.17 8.63 -17.05
N GLU A 180 -20.43 8.20 -17.15
CA GLU A 180 -21.46 8.90 -16.40
C GLU A 180 -21.16 8.79 -14.92
N VAL A 181 -20.73 7.60 -14.49
CA VAL A 181 -20.43 7.40 -13.06
C VAL A 181 -19.42 8.47 -12.62
N SER A 182 -18.43 8.77 -13.48
CA SER A 182 -17.37 9.74 -13.05
C SER A 182 -17.85 11.20 -12.90
N THR A 183 -19.04 11.53 -13.40
CA THR A 183 -19.53 12.88 -13.21
C THR A 183 -20.44 13.08 -11.96
N ILE A 184 -20.70 12.02 -11.19
CA ILE A 184 -21.52 12.20 -9.98
C ILE A 184 -20.63 12.90 -8.96
N PRO A 185 -21.05 14.08 -8.40
CA PRO A 185 -20.24 14.77 -7.36
C PRO A 185 -19.91 13.92 -6.09
N LEU A 186 -18.66 13.98 -5.63
CA LEU A 186 -18.26 13.19 -4.45
C LEU A 186 -18.07 14.11 -3.26
N SER A 187 -18.07 13.59 -2.02
CA SER A 187 -17.62 14.39 -0.87
C SER A 187 -16.56 13.59 -0.10
N ASN A 188 -15.51 13.23 -0.84
CA ASN A 188 -14.41 12.39 -0.33
C ASN A 188 -13.53 13.18 0.62
N PRO A 189 -13.13 12.54 1.73
CA PRO A 189 -12.21 13.26 2.60
C PRO A 189 -10.72 12.98 2.19
N PHE A 190 -10.50 12.22 1.12
CA PHE A 190 -9.15 11.81 0.77
C PHE A 190 -8.95 12.04 -0.70
N GLN A 191 -7.72 11.85 -1.12
CA GLN A 191 -7.54 11.75 -2.56
C GLN A 191 -6.59 10.61 -2.87
N LEU A 192 -6.46 10.30 -4.15
CA LEU A 192 -5.54 9.23 -4.61
C LEU A 192 -4.35 9.90 -5.24
N ILE A 193 -3.13 9.39 -4.95
CA ILE A 193 -1.90 9.75 -5.64
C ILE A 193 -1.60 8.68 -6.68
N PHE A 194 -1.40 7.44 -6.24
CA PHE A 194 -1.20 6.34 -7.18
C PHE A 194 -2.58 5.66 -7.29
N GLN A 195 -2.92 5.11 -8.46
CA GLN A 195 -4.21 4.45 -8.59
C GLN A 195 -4.26 3.57 -9.81
N SER A 196 -5.17 2.60 -9.77
CA SER A 196 -5.28 1.60 -10.78
C SER A 196 -5.57 2.26 -12.12
N GLY A 197 -4.87 1.81 -13.17
CA GLY A 197 -5.03 2.34 -14.55
C GLY A 197 -4.22 3.64 -14.79
N ASP A 198 -3.43 4.08 -13.83
CA ASP A 198 -2.50 5.18 -14.04
C ASP A 198 -1.26 4.72 -14.84
N SER A 199 -0.28 5.59 -15.02
CA SER A 199 0.90 5.18 -15.89
C SER A 199 1.72 3.97 -15.38
N THR A 200 1.55 3.53 -14.13
CA THR A 200 2.44 2.39 -13.67
C THR A 200 1.89 1.12 -14.22
N GLN A 201 0.61 1.17 -14.55
CA GLN A 201 -0.21 -0.04 -14.93
C GLN A 201 -0.22 -1.15 -13.86
N ALA A 202 0.17 -0.81 -12.62
CA ALA A 202 -0.01 -1.74 -11.52
C ALA A 202 -1.43 -1.62 -11.02
N ASN A 203 -2.05 -2.73 -10.65
CA ASN A 203 -3.44 -2.65 -10.18
C ASN A 203 -3.43 -2.56 -8.64
N TYR A 204 -2.22 -2.61 -8.06
CA TYR A 204 -2.07 -2.64 -6.61
C TYR A 204 -0.92 -1.77 -6.17
N PHE A 205 -1.09 -1.20 -4.98
CA PHE A 205 -0.06 -0.37 -4.34
C PHE A 205 0.13 -0.72 -2.86
N ARG A 206 1.38 -0.64 -2.38
CA ARG A 206 1.66 -0.89 -0.98
C ARG A 206 2.88 -0.07 -0.58
N ILE A 207 3.07 0.14 0.74
CA ILE A 207 4.29 0.71 1.26
C ILE A 207 4.51 2.21 0.80
N PRO A 208 3.61 3.11 1.24
CA PRO A 208 3.72 4.53 0.79
C PRO A 208 4.83 5.22 1.55
N THR A 209 5.45 6.25 0.90
CA THR A 209 6.38 7.17 1.61
C THR A 209 6.01 8.58 1.28
N LEU A 210 6.47 9.52 2.09
CA LEU A 210 6.24 10.94 1.82
C LEU A 210 7.45 11.66 2.34
N TYR A 211 7.86 12.72 1.63
CA TYR A 211 8.99 13.54 2.13
C TYR A 211 8.85 14.95 1.55
N THR A 212 8.85 15.96 2.42
CA THR A 212 8.82 17.35 1.93
C THR A 212 10.26 17.79 1.54
N LEU A 213 10.46 18.23 0.30
CA LEU A 213 11.82 18.59 -0.13
C LEU A 213 12.03 20.11 0.21
N SER A 214 13.24 20.61 0.21
CA SER A 214 13.54 22.03 0.58
C SER A 214 12.84 23.05 -0.33
N SER A 215 12.60 22.64 -1.58
CA SER A 215 11.93 23.52 -2.57
C SER A 215 10.46 23.67 -2.22
N GLY A 216 9.94 22.91 -1.23
CA GLY A 216 8.49 22.91 -0.99
C GLY A 216 7.73 21.80 -1.75
N ARG A 217 8.36 21.21 -2.76
CA ARG A 217 7.81 20.04 -3.40
C ARG A 217 7.68 18.91 -2.42
N VAL A 218 6.54 18.24 -2.44
CA VAL A 218 6.36 17.02 -1.61
C VAL A 218 6.50 15.78 -2.53
N LEU A 219 7.41 14.87 -2.19
CA LEU A 219 7.63 13.70 -3.06
C LEU A 219 7.04 12.49 -2.33
N SER A 220 6.56 11.51 -3.12
CA SER A 220 6.02 10.23 -2.59
C SER A 220 6.61 9.11 -3.39
N SER A 221 6.96 8.00 -2.72
CA SER A 221 7.36 6.74 -3.43
C SER A 221 6.42 5.64 -2.93
N ILE A 222 6.38 4.50 -3.62
CA ILE A 222 5.41 3.47 -3.31
C ILE A 222 5.89 2.23 -4.05
N ASP A 223 5.53 1.02 -3.56
CA ASP A 223 5.65 -0.25 -4.36
C ASP A 223 4.46 -0.25 -5.31
N ALA A 224 4.71 -0.26 -6.60
CA ALA A 224 3.64 -0.54 -7.60
C ALA A 224 3.60 -2.05 -7.75
N ARG A 225 2.58 -2.71 -7.20
CA ARG A 225 2.60 -4.17 -7.10
C ARG A 225 1.67 -4.81 -8.12
N TYR A 226 2.23 -5.67 -8.97
CA TYR A 226 1.47 -6.16 -10.14
C TYR A 226 0.71 -7.46 -9.82
N GLY A 227 1.39 -8.42 -9.13
CA GLY A 227 0.81 -9.78 -8.90
C GLY A 227 -0.06 -9.70 -7.64
N GLY A 228 -1.07 -8.82 -7.65
CA GLY A 228 -1.85 -8.66 -6.41
C GLY A 228 -1.03 -7.94 -5.35
N THR A 229 -1.45 -7.99 -4.07
CA THR A 229 -0.74 -7.17 -3.04
C THR A 229 0.46 -7.90 -2.38
N HIS A 230 0.76 -9.14 -2.83
CA HIS A 230 1.79 -9.99 -2.21
C HIS A 230 3.13 -9.31 -2.14
N ASP A 231 3.87 -9.59 -1.06
CA ASP A 231 5.28 -9.25 -1.02
C ASP A 231 6.05 -10.11 -2.00
N SER A 232 7.28 -9.70 -2.33
CA SER A 232 8.16 -10.52 -3.16
C SER A 232 8.21 -11.94 -2.58
N LYS A 233 8.37 -13.01 -3.38
CA LYS A 233 8.58 -12.90 -4.84
C LYS A 233 7.32 -12.40 -5.58
N SER A 234 7.50 -11.56 -6.60
CA SER A 234 6.32 -11.02 -7.30
C SER A 234 6.92 -10.18 -8.40
N LYS A 235 6.09 -9.42 -9.12
CA LYS A 235 6.63 -8.31 -9.93
C LYS A 235 6.22 -7.03 -9.19
N ILE A 236 7.19 -6.25 -8.77
CA ILE A 236 6.90 -4.99 -8.08
C ILE A 236 7.93 -4.03 -8.62
N ASN A 237 7.47 -2.83 -8.98
CA ASN A 237 8.33 -1.71 -9.27
C ASN A 237 8.23 -0.59 -8.21
N ILE A 238 9.19 0.33 -8.20
CA ILE A 238 9.09 1.49 -7.29
C ILE A 238 8.69 2.71 -8.13
N ALA A 239 7.52 3.29 -7.81
CA ALA A 239 7.02 4.43 -8.59
C ALA A 239 7.05 5.68 -7.69
N THR A 240 7.01 6.88 -8.29
CA THR A 240 7.10 8.11 -7.48
C THR A 240 6.20 9.14 -8.12
N SER A 241 5.77 10.11 -7.31
CA SER A 241 4.93 11.18 -7.79
C SER A 241 5.25 12.33 -6.85
N TYR A 242 5.04 13.57 -7.30
CA TYR A 242 5.26 14.75 -6.38
C TYR A 242 4.12 15.77 -6.55
N SER A 243 4.00 16.64 -5.54
CA SER A 243 3.04 17.69 -5.53
C SER A 243 3.74 19.03 -5.33
N ASP A 244 3.39 20.02 -6.15
CA ASP A 244 3.96 21.37 -5.98
C ASP A 244 3.04 22.37 -5.29
N ASP A 245 1.85 21.90 -4.87
CA ASP A 245 0.87 22.80 -4.29
C ASP A 245 0.40 22.28 -2.91
N ASN A 246 1.34 21.84 -2.10
CA ASN A 246 0.99 21.41 -0.73
C ASN A 246 0.07 20.18 -0.75
N GLY A 247 0.18 19.37 -1.78
CA GLY A 247 -0.55 18.07 -1.79
C GLY A 247 -1.95 18.13 -2.39
N LYS A 248 -2.35 19.28 -2.93
CA LYS A 248 -3.64 19.40 -3.64
C LYS A 248 -3.65 18.59 -4.90
N THR A 249 -2.58 18.63 -5.72
CA THR A 249 -2.49 17.81 -6.92
C THR A 249 -1.14 17.13 -7.05
N TRP A 250 -1.10 16.04 -7.83
CA TRP A 250 0.06 15.15 -7.87
C TRP A 250 0.38 14.90 -9.27
N SER A 251 1.66 14.64 -9.54
CA SER A 251 2.05 14.38 -10.90
C SER A 251 1.78 12.93 -11.29
N GLU A 252 1.65 12.70 -12.59
CA GLU A 252 1.57 11.35 -13.10
C GLU A 252 2.78 10.55 -12.64
N PRO A 253 2.59 9.29 -12.16
CA PRO A 253 3.78 8.58 -11.66
C PRO A 253 4.79 8.22 -12.71
N ILE A 254 6.05 8.13 -12.27
CA ILE A 254 7.14 7.62 -13.07
C ILE A 254 7.77 6.50 -12.22
N PHE A 255 8.54 5.63 -12.86
CA PHE A 255 9.37 4.71 -12.11
C PHE A 255 10.72 5.24 -11.57
N ALA A 256 10.97 5.05 -10.28
CA ALA A 256 12.35 5.23 -9.75
C ALA A 256 13.24 4.00 -9.95
N MET A 257 12.62 2.81 -9.87
CA MET A 257 13.32 1.53 -10.08
C MET A 257 12.39 0.52 -10.76
N LYS A 258 12.86 -0.10 -11.83
CA LYS A 258 11.98 -1.05 -12.53
C LYS A 258 12.79 -2.15 -13.24
N PHE A 259 12.14 -3.30 -13.42
CA PHE A 259 12.66 -4.43 -14.16
C PHE A 259 11.72 -4.72 -15.32
N ASN A 260 12.28 -5.21 -16.45
CA ASN A 260 11.39 -5.51 -17.59
C ASN A 260 11.28 -6.99 -17.99
N ASP A 261 11.67 -7.88 -17.08
CA ASP A 261 11.62 -9.33 -17.40
C ASP A 261 10.16 -9.78 -17.58
N TYR A 262 9.23 -9.12 -16.85
CA TYR A 262 7.80 -9.36 -16.97
C TYR A 262 7.15 -8.04 -17.40
N GLU A 263 6.16 -8.16 -18.26
CA GLU A 263 5.26 -7.06 -18.65
C GLU A 263 4.64 -6.30 -17.49
N GLU A 264 4.50 -4.96 -17.61
CA GLU A 264 3.62 -4.20 -16.69
C GLU A 264 2.14 -4.46 -16.98
N GLN A 265 1.50 -5.36 -16.24
CA GLN A 265 0.10 -5.67 -16.62
C GLN A 265 -0.80 -5.32 -15.46
N LEU A 266 -1.89 -4.63 -15.80
CA LEU A 266 -3.01 -4.41 -14.92
C LEU A 266 -3.90 -5.65 -14.83
N VAL A 267 -3.82 -6.37 -13.72
CA VAL A 267 -4.48 -7.67 -13.62
C VAL A 267 -5.39 -7.64 -12.42
N TYR A 268 -6.59 -8.16 -12.58
CA TYR A 268 -7.49 -8.33 -11.46
C TYR A 268 -7.07 -9.59 -10.74
N TRP A 269 -6.32 -9.49 -9.63
CA TRP A 269 -5.79 -10.71 -9.04
C TRP A 269 -6.90 -11.44 -8.33
N PRO A 270 -6.94 -12.79 -8.42
CA PRO A 270 -8.16 -13.47 -7.91
C PRO A 270 -8.24 -13.38 -6.40
N ARG A 271 -9.44 -13.16 -5.92
CA ARG A 271 -9.69 -13.06 -4.49
C ARG A 271 -10.39 -14.29 -3.97
N ASP A 272 -10.73 -15.26 -4.82
CA ASP A 272 -11.24 -16.52 -4.19
C ASP A 272 -10.20 -17.27 -3.31
N ASN A 273 -10.65 -17.89 -2.25
CA ASN A 273 -9.72 -18.56 -1.33
C ASN A 273 -8.82 -19.59 -1.96
N LYS A 274 -9.31 -20.32 -2.94
CA LYS A 274 -8.47 -21.28 -3.64
C LYS A 274 -7.30 -20.69 -4.43
N LEU A 275 -7.44 -19.45 -4.93
CA LEU A 275 -6.46 -18.85 -5.90
C LEU A 275 -5.71 -17.61 -5.36
N LYS A 276 -6.14 -17.08 -4.21
CA LYS A 276 -5.55 -15.83 -3.76
C LYS A 276 -4.07 -15.91 -3.35
N ASN A 277 -3.55 -17.11 -3.05
CA ASN A 277 -2.09 -17.24 -2.94
C ASN A 277 -1.34 -17.39 -4.25
N SER A 278 -2.02 -17.38 -5.35
CA SER A 278 -1.34 -17.19 -6.63
C SER A 278 -0.30 -16.07 -6.49
N GLN A 279 0.94 -16.36 -6.89
CA GLN A 279 2.03 -15.41 -6.71
C GLN A 279 2.93 -15.47 -7.91
N ILE A 280 3.25 -14.32 -8.50
CA ILE A 280 4.21 -14.31 -9.62
C ILE A 280 5.55 -14.83 -9.10
N SER A 281 6.13 -15.85 -9.73
CA SER A 281 7.18 -16.58 -9.07
C SER A 281 8.41 -16.63 -9.94
N GLY A 282 8.34 -16.02 -11.12
CA GLY A 282 9.51 -15.96 -12.01
C GLY A 282 10.09 -14.57 -12.29
N SER A 283 9.56 -13.54 -11.61
CA SER A 283 9.98 -12.14 -11.81
C SER A 283 10.99 -11.58 -10.79
N ALA A 284 11.87 -10.67 -11.25
CA ALA A 284 12.68 -9.84 -10.31
C ALA A 284 11.75 -8.76 -9.78
N SER A 285 12.08 -8.18 -8.61
CA SER A 285 11.25 -7.12 -8.14
C SER A 285 12.05 -6.21 -7.26
N PHE A 286 11.45 -5.04 -6.97
CA PHE A 286 11.98 -4.14 -5.88
C PHE A 286 10.92 -4.12 -4.78
N ILE A 287 11.24 -3.79 -3.50
CA ILE A 287 10.19 -3.80 -2.46
C ILE A 287 10.70 -2.91 -1.34
N ASP A 288 9.83 -2.07 -0.79
CA ASP A 288 10.14 -1.22 0.36
C ASP A 288 11.14 -0.10 0.01
N SER A 289 10.58 1.05 -0.36
CA SER A 289 11.41 2.19 -0.63
C SER A 289 11.49 3.21 0.52
N SER A 290 12.51 4.07 0.43
CA SER A 290 12.80 5.06 1.48
C SER A 290 13.50 6.21 0.78
N ILE A 291 13.17 7.41 1.19
CA ILE A 291 13.62 8.60 0.45
C ILE A 291 14.22 9.63 1.43
N VAL A 292 15.24 10.35 1.00
CA VAL A 292 15.76 11.47 1.77
C VAL A 292 16.26 12.55 0.76
N GLU A 293 16.39 13.78 1.21
CA GLU A 293 17.03 14.83 0.41
C GLU A 293 18.41 15.16 0.99
N ASP A 294 19.40 15.28 0.11
CA ASP A 294 20.74 15.68 0.52
C ASP A 294 20.93 17.21 0.41
N LYS A 295 21.15 17.89 1.50
CA LYS A 295 21.49 19.31 1.41
C LYS A 295 22.79 19.61 0.67
N LYS A 296 23.76 18.72 0.77
CA LYS A 296 25.07 19.00 0.14
C LYS A 296 24.97 19.08 -1.36
N SER A 297 24.58 17.98 -1.99
CA SER A 297 24.52 17.97 -3.41
C SER A 297 23.20 18.59 -3.87
N GLY A 298 22.22 18.73 -2.98
CA GLY A 298 20.85 19.03 -3.48
C GLY A 298 20.15 17.80 -4.13
N LYS A 299 20.82 16.65 -4.30
CA LYS A 299 20.14 15.48 -4.89
C LYS A 299 19.02 14.92 -3.93
N THR A 300 18.00 14.32 -4.50
CA THR A 300 17.06 13.41 -3.78
C THR A 300 17.59 11.94 -3.99
N ILE A 301 17.54 11.17 -2.91
CA ILE A 301 18.08 9.85 -2.84
C ILE A 301 16.99 8.87 -2.41
N LEU A 302 16.88 7.79 -3.17
CA LEU A 302 15.88 6.78 -2.94
C LEU A 302 16.60 5.43 -2.89
N LEU A 303 16.32 4.66 -1.83
CA LEU A 303 16.80 3.31 -1.67
C LEU A 303 15.61 2.36 -1.71
N ALA A 304 15.88 1.14 -2.13
CA ALA A 304 14.88 0.02 -2.04
C ALA A 304 15.59 -1.32 -1.94
N ASP A 305 14.86 -2.34 -1.48
CA ASP A 305 15.38 -3.71 -1.63
C ASP A 305 15.25 -4.14 -3.09
N VAL A 306 16.13 -5.04 -3.51
CA VAL A 306 16.11 -5.58 -4.90
C VAL A 306 16.12 -7.07 -4.71
N MET A 307 15.16 -7.74 -5.37
CA MET A 307 14.99 -9.22 -5.35
C MET A 307 15.19 -9.76 -6.80
N PRO A 308 16.20 -10.61 -7.00
CA PRO A 308 16.31 -11.32 -8.25
C PRO A 308 15.05 -12.17 -8.50
N ALA A 309 14.99 -12.70 -9.71
CA ALA A 309 13.87 -13.45 -10.25
C ALA A 309 13.51 -14.62 -9.30
N GLY A 310 12.25 -14.62 -8.87
CA GLY A 310 11.72 -15.68 -8.03
C GLY A 310 12.09 -15.55 -6.56
N ILE A 311 12.75 -14.46 -6.17
CA ILE A 311 13.25 -14.37 -4.77
C ILE A 311 12.44 -13.39 -3.95
N GLY A 312 12.27 -13.72 -2.70
CA GLY A 312 11.59 -12.82 -1.74
C GLY A 312 12.18 -13.13 -0.39
N ASN A 313 11.67 -12.45 0.63
CA ASN A 313 12.13 -12.67 1.97
C ASN A 313 12.37 -14.15 2.36
N ASN A 314 11.38 -15.01 2.10
CA ASN A 314 11.49 -16.37 2.70
C ASN A 314 12.26 -17.40 1.90
N ASN A 315 12.73 -17.08 0.71
CA ASN A 315 13.64 -17.99 0.09
C ASN A 315 15.02 -17.37 -0.20
N ALA A 316 15.20 -16.09 0.06
CA ALA A 316 16.52 -15.47 -0.02
C ALA A 316 17.62 -16.27 0.77
N ASN A 317 18.78 -16.45 0.15
CA ASN A 317 19.87 -17.18 0.81
C ASN A 317 20.43 -16.29 1.92
N LYS A 318 20.24 -16.74 3.19
CA LYS A 318 20.48 -15.96 4.38
C LYS A 318 21.97 -15.94 4.68
N ALA A 319 22.74 -16.79 4.01
CA ALA A 319 24.15 -16.93 4.38
C ALA A 319 25.10 -16.50 3.22
N ASP A 320 24.66 -15.60 2.32
CA ASP A 320 25.51 -15.17 1.27
C ASP A 320 25.12 -13.70 0.96
N SER A 321 26.12 -12.80 0.93
CA SER A 321 25.89 -11.37 0.61
C SER A 321 25.70 -11.20 -0.90
N GLY A 322 26.21 -12.20 -1.63
CA GLY A 322 26.24 -12.15 -3.08
C GLY A 322 27.42 -11.34 -3.60
N PHE A 323 28.34 -10.92 -2.72
CA PHE A 323 29.57 -10.26 -3.22
C PHE A 323 30.82 -11.04 -2.81
N LYS A 324 31.87 -10.98 -3.61
CA LYS A 324 33.17 -11.45 -3.13
C LYS A 324 34.03 -10.27 -2.66
N GLU A 325 34.51 -10.35 -1.42
CA GLU A 325 35.38 -9.31 -0.85
C GLU A 325 36.84 -9.57 -1.31
N ILE A 326 37.43 -8.58 -1.99
CA ILE A 326 38.85 -8.63 -2.38
C ILE A 326 39.56 -7.38 -1.86
N ASN A 327 40.21 -7.53 -0.70
CA ASN A 327 40.99 -6.47 -0.06
C ASN A 327 40.24 -5.16 -0.11
N GLY A 328 39.26 -5.02 0.79
CA GLY A 328 38.48 -3.76 0.90
C GLY A 328 37.53 -3.43 -0.24
N HIS A 329 37.53 -4.26 -1.29
CA HIS A 329 36.59 -4.15 -2.43
C HIS A 329 35.61 -5.29 -2.51
N TYR A 330 34.35 -4.96 -2.84
CA TYR A 330 33.29 -5.99 -3.02
C TYR A 330 32.88 -6.12 -4.44
N TYR A 331 32.98 -7.31 -5.01
CA TYR A 331 32.64 -7.54 -6.41
C TYR A 331 31.38 -8.43 -6.54
N LEU A 332 30.44 -8.02 -7.40
CA LEU A 332 29.22 -8.76 -7.56
C LEU A 332 29.57 -10.09 -8.20
N LYS A 333 29.25 -11.18 -7.53
CA LYS A 333 29.44 -12.56 -8.14
C LYS A 333 28.31 -12.91 -9.08
N LEU A 334 28.68 -13.72 -10.09
CA LEU A 334 27.80 -14.22 -11.10
C LEU A 334 28.02 -15.70 -11.29
N LYS A 335 26.91 -16.35 -11.64
CA LYS A 335 26.92 -17.75 -12.01
C LYS A 335 26.50 -17.80 -13.46
N LYS A 336 27.28 -18.50 -14.28
CA LYS A 336 26.91 -18.68 -15.67
C LYS A 336 26.00 -19.92 -15.84
N ASN A 337 25.02 -19.83 -16.75
CA ASN A 337 24.15 -20.96 -17.13
C ASN A 337 24.95 -22.26 -17.31
N GLY A 338 24.54 -23.33 -16.63
CA GLY A 338 25.22 -24.60 -16.76
C GLY A 338 26.23 -24.85 -15.61
N ASP A 339 26.82 -23.81 -15.02
CA ASP A 339 27.74 -24.08 -13.86
C ASP A 339 26.95 -24.38 -12.62
N ASN A 340 27.54 -25.13 -11.70
CA ASN A 340 26.91 -25.41 -10.39
C ASN A 340 27.25 -24.39 -9.30
N ASP A 341 28.26 -23.57 -9.56
CA ASP A 341 28.70 -22.58 -8.57
C ASP A 341 28.91 -21.21 -9.28
N PHE A 342 29.29 -20.21 -8.47
CA PHE A 342 29.54 -18.85 -8.98
C PHE A 342 31.03 -18.67 -9.36
N ARG A 343 31.34 -18.80 -10.62
CA ARG A 343 32.71 -18.76 -11.04
C ARG A 343 33.16 -17.42 -11.58
N TYR A 344 32.31 -16.38 -11.41
CA TYR A 344 32.56 -15.07 -12.02
C TYR A 344 32.33 -13.91 -11.13
N THR A 345 32.92 -12.76 -11.50
CA THR A 345 32.64 -11.54 -10.73
C THR A 345 32.63 -10.39 -11.67
N VAL A 346 32.00 -9.29 -11.25
CA VAL A 346 31.95 -8.11 -12.11
C VAL A 346 33.01 -7.17 -11.56
N ARG A 347 34.01 -6.83 -12.37
CA ARG A 347 35.07 -5.94 -11.89
C ARG A 347 34.80 -4.49 -12.34
N GLU A 348 35.84 -3.66 -12.19
CA GLU A 348 35.87 -2.26 -12.67
C GLU A 348 35.53 -2.23 -14.16
N ASN A 349 34.84 -1.16 -14.55
CA ASN A 349 34.30 -1.00 -15.90
C ASN A 349 33.32 -2.10 -16.36
N GLY A 350 32.72 -2.80 -15.40
CA GLY A 350 31.72 -3.82 -15.66
C GLY A 350 32.27 -5.07 -16.33
N VAL A 351 33.61 -5.26 -16.30
CA VAL A 351 34.24 -6.39 -16.96
C VAL A 351 33.89 -7.65 -16.21
N VAL A 352 33.43 -8.68 -16.92
CA VAL A 352 33.08 -9.93 -16.24
C VAL A 352 34.28 -10.84 -16.22
N TYR A 353 34.69 -11.24 -15.03
CA TYR A 353 35.96 -11.97 -14.79
C TYR A 353 35.65 -13.33 -14.35
N ASN A 354 36.38 -14.28 -14.94
CA ASN A 354 36.37 -15.64 -14.51
C ASN A 354 37.31 -15.81 -13.29
N GLU A 355 36.76 -16.12 -12.11
CA GLU A 355 37.53 -16.34 -10.90
C GLU A 355 38.43 -17.61 -10.97
N THR A 356 38.12 -18.54 -11.87
CA THR A 356 38.88 -19.78 -12.03
C THR A 356 40.13 -19.56 -12.88
N THR A 357 40.03 -18.76 -13.94
CA THR A 357 41.19 -18.54 -14.78
C THR A 357 41.86 -17.22 -14.49
N ASN A 358 41.35 -16.53 -13.49
CA ASN A 358 41.69 -15.11 -13.27
C ASN A 358 41.79 -14.18 -14.50
N LYS A 359 41.16 -14.58 -15.61
CA LYS A 359 41.13 -13.79 -16.85
C LYS A 359 39.75 -13.15 -17.18
N PRO A 360 39.76 -11.95 -17.80
CA PRO A 360 38.51 -11.34 -18.24
C PRO A 360 37.86 -12.20 -19.31
N THR A 361 36.53 -12.22 -19.36
CA THR A 361 35.77 -12.83 -20.46
C THR A 361 35.47 -11.76 -21.49
N ASN A 362 34.67 -12.07 -22.51
CA ASN A 362 34.19 -11.09 -23.46
C ASN A 362 32.81 -10.45 -23.11
N TYR A 363 32.41 -10.61 -21.85
CA TYR A 363 31.13 -10.05 -21.42
C TYR A 363 31.31 -8.89 -20.49
N THR A 364 30.43 -7.93 -20.58
CA THR A 364 30.44 -6.86 -19.66
C THR A 364 28.99 -6.58 -19.18
N ILE A 365 28.88 -5.95 -18.03
CA ILE A 365 27.63 -5.53 -17.46
C ILE A 365 27.54 -3.99 -17.53
N ASN A 366 26.46 -3.43 -18.10
CA ASN A 366 26.41 -1.97 -18.23
C ASN A 366 25.81 -1.38 -16.95
N ASP A 367 25.50 -0.08 -17.01
CA ASP A 367 25.03 0.66 -15.83
C ASP A 367 23.57 0.25 -15.44
N LYS A 368 22.88 -0.42 -16.36
CA LYS A 368 21.58 -0.99 -16.06
C LYS A 368 21.65 -2.45 -15.60
N TYR A 369 22.84 -2.99 -15.31
CA TYR A 369 22.95 -4.43 -14.92
C TYR A 369 22.51 -5.37 -16.06
N GLU A 370 22.63 -4.87 -17.30
CA GLU A 370 22.44 -5.72 -18.45
C GLU A 370 23.72 -6.32 -18.98
N VAL A 371 23.58 -7.48 -19.63
CA VAL A 371 24.68 -8.28 -20.09
C VAL A 371 25.01 -7.90 -21.55
N LEU A 372 26.25 -7.51 -21.76
CA LEU A 372 26.82 -7.20 -23.10
C LEU A 372 27.83 -8.28 -23.43
N GLU A 373 27.98 -8.58 -24.72
CA GLU A 373 29.03 -9.49 -25.21
C GLU A 373 29.75 -8.79 -26.36
N GLY A 374 31.06 -8.56 -26.21
CA GLY A 374 31.81 -7.75 -27.17
C GLY A 374 31.12 -6.43 -27.43
N GLY A 375 30.58 -5.78 -26.41
CA GLY A 375 29.90 -4.50 -26.57
C GLY A 375 28.43 -4.60 -27.03
N LYS A 376 27.93 -5.79 -27.32
CA LYS A 376 26.59 -5.91 -27.94
C LYS A 376 25.53 -6.46 -26.95
N SER A 377 24.36 -5.84 -26.90
CA SER A 377 23.23 -6.23 -26.00
C SER A 377 22.70 -7.63 -26.26
N LEU A 378 22.77 -8.48 -25.25
CA LEU A 378 22.10 -9.79 -25.31
C LEU A 378 20.66 -9.50 -24.86
N THR A 379 19.72 -10.26 -25.37
CA THR A 379 18.31 -10.08 -25.02
C THR A 379 17.78 -11.36 -24.40
N VAL A 380 16.70 -11.25 -23.61
CA VAL A 380 15.78 -12.38 -23.37
C VAL A 380 14.38 -12.09 -23.86
N GLU A 381 13.52 -13.13 -23.82
CA GLU A 381 12.10 -12.93 -24.09
C GLU A 381 11.33 -12.61 -22.76
N GLN A 382 10.49 -11.57 -22.79
CA GLN A 382 9.70 -11.06 -21.63
C GLN A 382 8.57 -12.08 -21.35
N TYR A 383 8.16 -12.16 -20.08
CA TYR A 383 6.97 -12.94 -19.67
C TYR A 383 5.77 -12.04 -19.40
N SER A 384 4.57 -12.61 -19.61
CA SER A 384 3.30 -12.07 -19.15
C SER A 384 2.61 -13.14 -18.32
N VAL A 385 1.55 -12.75 -17.61
CA VAL A 385 0.82 -13.68 -16.76
C VAL A 385 -0.62 -13.65 -17.21
N ASP A 386 -1.37 -14.74 -16.96
CA ASP A 386 -2.82 -14.79 -17.29
C ASP A 386 -3.45 -15.89 -16.41
N PHE A 387 -4.76 -15.86 -16.26
CA PHE A 387 -5.45 -16.85 -15.50
C PHE A 387 -6.43 -17.55 -16.45
N ASP A 388 -6.14 -17.43 -17.74
CA ASP A 388 -7.07 -17.96 -18.81
C ASP A 388 -7.38 -19.43 -18.51
N SER A 389 -6.41 -20.17 -18.01
CA SER A 389 -6.66 -21.59 -17.87
C SER A 389 -7.24 -21.92 -16.52
N GLY A 390 -7.58 -20.94 -15.72
CA GLY A 390 -8.12 -21.27 -14.43
C GLY A 390 -7.15 -21.20 -13.26
N SER A 391 -5.85 -21.15 -13.57
CA SER A 391 -4.87 -20.89 -12.56
C SER A 391 -3.73 -20.00 -13.14
N LEU A 392 -2.76 -19.63 -12.31
CA LEU A 392 -1.79 -18.63 -12.73
C LEU A 392 -0.85 -19.26 -13.73
N ARG A 393 -0.66 -18.60 -14.86
CA ARG A 393 0.40 -19.10 -15.75
C ARG A 393 1.30 -17.93 -16.08
N GLU A 394 2.62 -18.19 -16.09
CA GLU A 394 3.61 -17.15 -16.44
C GLU A 394 4.24 -17.61 -17.76
N ARG A 395 4.22 -16.80 -18.81
CA ARG A 395 4.67 -17.29 -20.10
C ARG A 395 5.22 -16.24 -21.02
N HIS A 396 6.25 -16.66 -21.75
CA HIS A 396 6.91 -15.85 -22.77
C HIS A 396 5.89 -15.22 -23.64
N ASN A 397 6.07 -13.95 -24.00
CA ASN A 397 4.99 -13.24 -24.68
C ASN A 397 5.43 -12.69 -26.04
N GLY A 398 6.57 -13.12 -26.51
CA GLY A 398 7.05 -12.70 -27.84
C GLY A 398 7.83 -11.40 -27.89
N LYS A 399 7.88 -10.63 -26.81
CA LYS A 399 8.62 -9.40 -26.85
C LYS A 399 10.03 -9.68 -26.32
N GLN A 400 11.03 -8.99 -26.89
CA GLN A 400 12.40 -9.15 -26.41
C GLN A 400 12.80 -7.98 -25.59
N VAL A 401 13.59 -8.22 -24.52
CA VAL A 401 14.12 -7.12 -23.64
C VAL A 401 15.60 -7.38 -23.32
N PRO A 402 16.33 -6.32 -22.93
CA PRO A 402 17.72 -6.49 -22.58
C PRO A 402 17.88 -7.54 -21.44
N MET A 403 18.85 -8.41 -21.60
CA MET A 403 19.15 -9.46 -20.62
C MET A 403 19.77 -8.81 -19.41
N ASN A 404 19.20 -9.08 -18.25
CA ASN A 404 19.63 -8.43 -17.00
C ASN A 404 20.04 -9.52 -16.04
N VAL A 405 21.07 -9.28 -15.23
CA VAL A 405 21.59 -10.33 -14.30
C VAL A 405 20.62 -10.71 -13.13
N PHE A 406 19.57 -9.89 -12.94
CA PHE A 406 18.54 -10.20 -11.93
C PHE A 406 17.43 -11.13 -12.49
N TYR A 407 17.51 -11.50 -13.78
CA TYR A 407 16.41 -12.15 -14.51
C TYR A 407 16.58 -13.65 -14.55
N LYS A 408 15.44 -14.35 -14.58
CA LYS A 408 15.42 -15.82 -14.64
C LYS A 408 16.09 -16.34 -15.96
N ASP A 409 16.00 -15.61 -17.06
CA ASP A 409 16.47 -16.14 -18.32
C ASP A 409 17.88 -15.72 -18.63
N SER A 410 18.53 -14.94 -17.76
CA SER A 410 19.86 -14.41 -18.07
C SER A 410 20.90 -15.54 -18.18
N LEU A 411 21.85 -15.37 -19.08
CA LEU A 411 23.04 -16.21 -19.16
C LEU A 411 23.90 -16.17 -17.89
N PHE A 412 23.97 -14.98 -17.28
CA PHE A 412 24.66 -14.83 -15.99
C PHE A 412 23.73 -14.26 -14.91
N LYS A 413 23.71 -14.89 -13.73
CA LYS A 413 22.77 -14.55 -12.69
C LYS A 413 23.47 -14.23 -11.38
N VAL A 414 22.87 -13.32 -10.60
CA VAL A 414 23.43 -12.97 -9.29
C VAL A 414 23.02 -14.04 -8.35
N THR A 415 23.61 -14.00 -7.16
CA THR A 415 23.21 -14.81 -6.03
C THR A 415 21.72 -14.61 -5.72
N PRO A 416 20.95 -15.72 -5.57
CA PRO A 416 19.54 -15.65 -5.15
C PRO A 416 19.39 -15.15 -3.71
N THR A 417 19.68 -13.88 -3.48
CA THR A 417 19.50 -13.35 -2.13
C THR A 417 18.97 -11.94 -2.32
N ASN A 418 18.66 -11.23 -1.21
CA ASN A 418 18.22 -9.82 -1.26
C ASN A 418 19.38 -8.78 -1.16
N TYR A 419 19.21 -7.62 -1.84
CA TYR A 419 20.23 -6.56 -1.95
C TYR A 419 19.55 -5.24 -1.57
N ILE A 420 20.34 -4.18 -1.41
CA ILE A 420 19.79 -2.85 -1.25
C ILE A 420 20.37 -2.06 -2.42
N ALA A 421 19.50 -1.34 -3.14
CA ALA A 421 19.95 -0.49 -4.22
C ALA A 421 19.66 0.97 -3.87
N MET A 422 20.37 1.85 -4.51
CA MET A 422 20.03 3.27 -4.48
C MET A 422 19.91 3.87 -5.85
N THR A 423 19.06 4.87 -5.94
CA THR A 423 19.03 5.79 -7.05
C THR A 423 18.98 7.21 -6.50
N THR A 424 19.27 8.14 -7.39
CA THR A 424 19.25 9.55 -7.06
C THR A 424 18.52 10.33 -8.17
N SER A 425 17.99 11.48 -7.77
CA SER A 425 17.42 12.37 -8.74
C SER A 425 18.02 13.75 -8.57
N GLN A 426 18.33 14.34 -9.71
CA GLN A 426 18.99 15.61 -9.83
C GLN A 426 17.94 16.72 -10.07
N ASN A 427 16.66 16.37 -10.19
CA ASN A 427 15.62 17.34 -10.57
C ASN A 427 14.38 17.07 -9.66
N ARG A 428 14.65 16.68 -8.42
CA ARG A 428 13.58 16.53 -7.41
C ARG A 428 12.41 15.58 -7.80
N GLY A 429 12.75 14.43 -8.39
CA GLY A 429 11.73 13.38 -8.76
C GLY A 429 11.10 13.46 -10.13
N GLU A 430 11.61 14.33 -10.99
CA GLU A 430 11.15 14.35 -12.40
C GLU A 430 11.81 13.21 -13.22
N SER A 431 12.98 12.74 -12.80
CA SER A 431 13.52 11.53 -13.39
C SER A 431 14.50 10.94 -12.36
N TRP A 432 14.88 9.68 -12.57
CA TRP A 432 15.75 8.95 -11.66
C TRP A 432 16.83 8.31 -12.43
N GLU A 433 18.01 8.28 -11.84
CA GLU A 433 19.12 7.53 -12.44
C GLU A 433 18.90 6.00 -12.42
N GLN A 434 19.73 5.33 -13.21
CA GLN A 434 19.87 3.88 -13.11
C GLN A 434 20.32 3.50 -11.68
N PHE A 435 19.72 2.45 -11.10
CA PHE A 435 20.08 2.11 -9.69
C PHE A 435 21.48 1.55 -9.59
N LYS A 436 22.08 1.67 -8.39
CA LYS A 436 23.35 0.98 -8.08
C LYS A 436 23.16 0.16 -6.81
N LEU A 437 23.71 -1.06 -6.73
CA LEU A 437 23.73 -1.83 -5.46
C LEU A 437 24.62 -1.18 -4.47
N LEU A 438 24.16 -1.06 -3.24
CA LEU A 438 25.05 -0.70 -2.17
C LEU A 438 26.05 -1.87 -1.87
N PRO A 439 27.19 -1.58 -1.19
CA PRO A 439 28.04 -2.68 -0.76
C PRO A 439 27.37 -3.55 0.30
N PRO A 440 27.90 -4.77 0.55
CA PRO A 440 27.41 -5.55 1.68
C PRO A 440 27.97 -4.92 2.97
N PHE A 441 27.22 -4.95 4.10
CA PHE A 441 27.69 -4.32 5.35
C PHE A 441 28.07 -5.32 6.45
N LEU A 442 27.63 -6.58 6.32
CA LEU A 442 27.82 -7.59 7.39
C LEU A 442 28.66 -8.81 6.91
N GLY A 443 29.56 -8.60 5.96
CA GLY A 443 30.44 -9.68 5.49
C GLY A 443 29.86 -10.56 4.40
N GLU A 444 30.62 -11.58 4.01
CA GLU A 444 30.35 -12.32 2.81
C GLU A 444 29.27 -13.33 3.01
N LYS A 445 29.09 -13.80 4.24
CA LYS A 445 28.17 -14.88 4.58
C LYS A 445 26.92 -14.37 5.23
N HIS A 446 26.45 -13.20 4.78
CA HIS A 446 25.22 -12.60 5.37
C HIS A 446 24.41 -11.90 4.32
N ASN A 447 23.14 -12.26 4.22
CA ASN A 447 22.32 -11.60 3.18
C ASN A 447 22.21 -10.09 3.49
N GLY A 448 21.68 -9.33 2.52
CA GLY A 448 21.34 -7.91 2.75
C GLY A 448 20.43 -7.66 3.96
N THR A 449 20.59 -6.51 4.60
CA THR A 449 19.66 -6.09 5.66
C THR A 449 18.41 -5.60 4.93
N TYR A 450 17.33 -5.40 5.63
CA TYR A 450 16.07 -5.00 4.97
C TYR A 450 15.84 -3.51 5.23
N LEU A 451 15.59 -2.76 4.16
CA LEU A 451 15.42 -1.31 4.25
C LEU A 451 14.14 -1.07 4.98
N CYS A 452 14.16 -0.11 5.91
CA CYS A 452 12.97 0.35 6.60
C CYS A 452 12.23 1.33 5.71
N PRO A 453 10.98 1.01 5.33
CA PRO A 453 10.28 1.88 4.39
C PRO A 453 9.94 3.25 4.96
N GLY A 454 9.94 4.26 4.09
CA GLY A 454 9.50 5.55 4.56
C GLY A 454 10.58 6.61 4.23
N GLN A 455 11.10 7.28 5.25
CA GLN A 455 12.11 8.36 5.09
C GLN A 455 13.43 7.95 5.66
N GLY A 456 14.47 8.39 4.97
CA GLY A 456 15.74 8.50 5.57
C GLY A 456 15.80 9.73 6.43
N LEU A 457 16.97 9.99 7.06
CA LEU A 457 17.11 11.16 7.92
C LEU A 457 18.27 12.01 7.42
N ALA A 458 18.01 13.29 7.22
CA ALA A 458 19.10 14.26 6.87
C ALA A 458 19.27 15.08 8.10
N LEU A 459 20.44 15.04 8.72
CA LEU A 459 20.68 15.81 9.97
C LEU A 459 20.69 17.32 9.71
N LYS A 460 20.07 18.05 10.61
CA LYS A 460 19.91 19.48 10.51
C LYS A 460 21.26 20.25 10.49
N SER A 461 22.26 19.80 11.25
CA SER A 461 23.48 20.64 11.37
C SER A 461 24.67 20.10 10.62
N SER A 462 24.50 18.96 9.98
CA SER A 462 25.62 18.44 9.17
C SER A 462 25.09 18.01 7.81
N ASN A 463 25.92 17.34 7.02
CA ASN A 463 25.41 16.81 5.74
C ASN A 463 25.21 15.28 5.79
N ARG A 464 25.16 14.74 7.01
CA ARG A 464 25.06 13.30 7.22
C ARG A 464 23.64 12.82 6.85
N LEU A 465 23.64 11.75 6.06
CA LEU A 465 22.43 11.04 5.67
C LEU A 465 22.39 9.67 6.35
N ILE A 466 21.24 9.33 6.93
CA ILE A 466 21.07 8.03 7.60
C ILE A 466 19.86 7.25 7.06
N PHE A 467 20.05 6.01 6.60
CA PHE A 467 18.89 5.16 6.32
C PHE A 467 18.85 3.98 7.31
N ALA A 468 17.75 3.82 8.00
CA ALA A 468 17.55 2.67 8.93
C ALA A 468 17.31 1.40 8.10
N THR A 469 17.93 0.32 8.52
CA THR A 469 17.66 -1.04 7.92
C THR A 469 17.52 -2.02 9.11
N TYR A 470 16.98 -3.22 8.89
CA TYR A 470 16.93 -4.15 10.00
C TYR A 470 17.37 -5.51 9.55
N THR A 471 17.75 -6.33 10.53
CA THR A 471 18.14 -7.72 10.22
C THR A 471 17.93 -8.49 11.54
N SER A 472 18.27 -9.76 11.57
CA SER A 472 18.05 -10.55 12.76
C SER A 472 18.93 -10.03 13.91
N GLY A 473 18.35 -9.71 15.02
CA GLY A 473 19.15 -9.27 16.18
C GLY A 473 19.55 -7.78 16.23
N GLU A 474 19.28 -7.00 15.17
CA GLU A 474 19.78 -5.59 15.23
C GLU A 474 19.12 -4.63 14.24
N LEU A 475 19.09 -3.34 14.57
CA LEU A 475 18.93 -2.31 13.53
C LEU A 475 20.31 -2.01 12.93
N THR A 476 20.38 -1.90 11.60
CA THR A 476 21.63 -1.57 10.93
C THR A 476 21.51 -0.22 10.22
N TYR A 477 22.01 0.82 10.85
CA TYR A 477 21.85 2.13 10.22
C TYR A 477 22.89 2.32 9.20
N LEU A 478 22.49 2.78 8.03
CA LEU A 478 23.42 3.01 6.96
C LEU A 478 23.66 4.51 6.89
N ILE A 479 24.92 4.89 6.90
CA ILE A 479 25.29 6.31 7.14
C ILE A 479 26.17 6.75 6.00
N SER A 480 25.80 7.88 5.36
CA SER A 480 26.67 8.53 4.40
C SER A 480 26.87 10.03 4.74
N ASP A 481 28.10 10.48 4.59
CA ASP A 481 28.48 11.86 4.81
C ASP A 481 28.94 12.50 3.51
N ASP A 482 28.82 11.84 2.36
CA ASP A 482 29.31 12.40 1.09
C ASP A 482 28.23 12.16 0.03
N SER A 483 26.99 12.52 0.36
CA SER A 483 25.91 12.44 -0.62
C SER A 483 25.60 11.08 -1.16
N GLY A 484 25.82 10.01 -0.40
CA GLY A 484 25.39 8.70 -0.92
C GLY A 484 26.48 7.93 -1.72
N GLN A 485 27.67 8.54 -1.86
CA GLN A 485 28.73 7.91 -2.66
C GLN A 485 29.37 6.78 -1.93
N THR A 486 29.58 6.94 -0.61
CA THR A 486 30.02 5.83 0.23
C THR A 486 29.19 5.78 1.50
N TRP A 487 29.27 4.61 2.13
CA TRP A 487 28.39 4.23 3.20
C TRP A 487 29.10 3.48 4.27
N LYS A 488 28.72 3.68 5.52
CA LYS A 488 29.20 2.77 6.55
C LYS A 488 27.98 2.36 7.33
N LYS A 489 28.06 1.31 8.15
CA LYS A 489 27.00 0.91 9.05
C LYS A 489 27.25 1.31 10.49
N SER A 490 26.19 1.51 11.26
CA SER A 490 26.26 1.59 12.71
C SER A 490 25.24 0.55 13.18
N SER A 491 25.68 -0.55 13.80
CA SER A 491 24.72 -1.57 14.32
C SER A 491 24.20 -1.27 15.71
N ALA A 492 22.91 -1.47 15.96
CA ALA A 492 22.39 -1.24 17.27
C ALA A 492 21.60 -2.48 17.62
N SER A 493 22.12 -3.18 18.60
CA SER A 493 21.53 -4.44 18.98
C SER A 493 20.08 -4.31 19.46
N ILE A 494 19.21 -5.25 19.07
CA ILE A 494 17.90 -5.25 19.64
C ILE A 494 17.54 -6.61 20.23
N PRO A 495 16.68 -6.60 21.25
CA PRO A 495 16.51 -7.90 21.95
C PRO A 495 15.42 -8.73 21.26
N PHE A 496 15.64 -9.00 19.97
CA PHE A 496 14.67 -9.73 19.13
C PHE A 496 15.37 -10.63 18.17
N LYS A 497 14.88 -11.85 18.14
CA LYS A 497 15.23 -12.75 17.07
C LYS A 497 14.18 -12.56 15.93
N ASN A 498 14.66 -12.49 14.70
CA ASN A 498 13.77 -12.48 13.53
C ASN A 498 12.57 -11.50 13.54
N ALA A 499 12.71 -10.32 14.12
CA ALA A 499 11.63 -9.32 14.15
C ALA A 499 11.64 -8.55 12.79
N THR A 500 10.48 -8.18 12.29
CA THR A 500 10.42 -7.22 11.20
C THR A 500 10.48 -5.81 11.87
N ALA A 501 11.70 -5.35 12.13
CA ALA A 501 11.91 -4.22 12.99
C ALA A 501 11.97 -2.96 12.15
N GLU A 502 10.87 -2.69 11.44
CA GLU A 502 10.69 -1.45 10.68
C GLU A 502 10.81 -0.22 11.59
N ALA A 503 11.74 0.68 11.21
CA ALA A 503 12.12 1.77 12.12
C ALA A 503 12.17 3.10 11.38
N GLN A 504 11.68 4.13 12.03
CA GLN A 504 11.76 5.47 11.48
C GLN A 504 12.34 6.41 12.55
N MET A 505 13.03 7.47 12.10
CA MET A 505 13.88 8.31 12.98
C MET A 505 13.39 9.72 12.99
N VAL A 506 13.57 10.40 14.13
CA VAL A 506 13.37 11.85 14.19
C VAL A 506 14.58 12.45 14.86
N GLU A 507 14.96 13.64 14.44
CA GLU A 507 16.05 14.32 15.13
C GLU A 507 15.47 15.18 16.23
N LEU A 508 15.57 14.75 17.49
CA LEU A 508 14.94 15.53 18.60
C LEU A 508 15.56 16.91 18.78
N ARG A 509 16.88 16.98 18.79
CA ARG A 509 17.59 18.26 18.76
C ARG A 509 18.87 17.87 18.10
N ASP A 510 19.68 18.88 17.84
CA ASP A 510 20.85 18.71 17.07
C ASP A 510 21.72 17.51 17.45
N GLY A 511 21.95 16.57 16.54
CA GLY A 511 22.84 15.40 16.85
C GLY A 511 22.17 14.29 17.73
N VAL A 512 20.93 14.53 18.15
CA VAL A 512 20.16 13.61 18.97
C VAL A 512 19.05 12.98 18.11
N ILE A 513 19.17 11.69 17.82
CA ILE A 513 18.18 10.98 16.96
C ILE A 513 17.35 9.97 17.80
N ARG A 514 16.06 10.05 17.74
CA ARG A 514 15.27 8.96 18.36
C ARG A 514 14.65 8.19 17.22
N THR A 515 14.81 6.87 17.31
CA THR A 515 14.29 5.88 16.38
C THR A 515 13.16 5.12 17.05
N PHE A 516 12.01 5.12 16.39
CA PHE A 516 10.88 4.29 16.79
C PHE A 516 10.74 3.12 15.86
N PHE A 517 10.44 1.99 16.44
CA PHE A 517 10.43 0.76 15.65
C PHE A 517 9.43 -0.32 16.10
N ARG A 518 8.96 -1.02 15.10
CA ARG A 518 8.08 -2.17 15.20
C ARG A 518 8.78 -3.33 15.88
N THR A 519 8.03 -4.07 16.69
CA THR A 519 8.57 -5.24 17.41
C THR A 519 7.57 -6.42 17.34
N THR A 520 7.88 -7.51 18.08
CA THR A 520 7.00 -8.68 18.22
C THR A 520 6.32 -8.64 19.57
N THR A 521 6.36 -7.53 20.30
CA THR A 521 5.86 -7.56 21.69
C THR A 521 4.50 -6.87 21.87
N GLY A 522 3.91 -6.27 20.82
CA GLY A 522 2.65 -5.53 21.00
C GLY A 522 2.88 -4.06 21.41
N LYS A 523 4.14 -3.68 21.60
CA LYS A 523 4.51 -2.30 21.84
C LYS A 523 5.54 -1.76 20.82
N ILE A 524 5.39 -0.47 20.50
CA ILE A 524 6.36 0.19 19.70
C ILE A 524 7.55 0.43 20.60
N ALA A 525 8.76 0.11 20.12
CA ALA A 525 9.96 0.33 20.86
C ALA A 525 10.69 1.59 20.35
N TYR A 526 11.67 2.05 21.14
CA TYR A 526 12.58 3.14 20.70
C TYR A 526 13.99 3.07 21.28
N MET A 527 14.93 3.72 20.60
CA MET A 527 16.29 3.84 21.07
C MET A 527 16.71 5.25 20.61
N THR A 528 17.86 5.72 21.14
CA THR A 528 18.40 7.12 21.00
C THR A 528 19.90 7.11 20.70
N SER A 529 20.29 7.97 19.77
CA SER A 529 21.66 8.29 19.53
C SER A 529 21.88 9.75 19.86
N ARG A 530 23.02 10.00 20.55
CA ARG A 530 23.40 11.38 20.89
C ARG A 530 24.62 11.85 20.14
N ASP A 531 25.05 11.09 19.15
CA ASP A 531 26.27 11.43 18.42
C ASP A 531 26.02 11.32 16.91
N SER A 532 24.85 11.79 16.48
CA SER A 532 24.41 11.72 15.08
C SER A 532 24.46 10.31 14.53
N GLY A 533 24.17 9.29 15.36
CA GLY A 533 24.00 7.91 14.83
C GLY A 533 25.22 7.03 14.88
N GLU A 534 26.31 7.57 15.40
CA GLU A 534 27.49 6.71 15.65
C GLU A 534 27.12 5.60 16.62
N THR A 535 26.43 5.92 17.72
CA THR A 535 26.17 4.86 18.71
C THR A 535 24.78 4.96 19.21
N TRP A 536 24.25 3.88 19.78
CA TRP A 536 22.84 3.83 20.10
C TRP A 536 22.61 3.29 21.44
N SER A 537 21.61 3.83 22.11
CA SER A 537 21.21 3.36 23.40
C SER A 537 20.55 1.94 23.42
N LYS A 538 20.27 1.44 24.65
CA LYS A 538 19.44 0.28 24.87
C LYS A 538 18.04 0.62 24.44
N VAL A 539 17.20 -0.39 24.38
CA VAL A 539 15.86 -0.19 23.83
C VAL A 539 14.83 0.04 24.95
N SER A 540 13.88 0.97 24.76
CA SER A 540 12.77 1.20 25.66
C SER A 540 11.48 1.06 24.87
N TYR A 541 10.33 1.16 25.55
CA TYR A 541 9.04 0.89 24.91
C TYR A 541 8.06 1.98 25.21
N ILE A 542 7.23 2.35 24.26
CA ILE A 542 6.15 3.27 24.60
C ILE A 542 4.94 2.49 25.19
N ASP A 543 4.47 2.86 26.38
CA ASP A 543 3.25 2.27 26.87
C ASP A 543 2.24 3.21 26.32
N GLY A 544 1.00 2.83 26.24
CA GLY A 544 0.04 3.86 25.77
C GLY A 544 -0.38 3.65 24.32
N ILE A 545 0.43 2.96 23.51
CA ILE A 545 -0.03 2.59 22.17
C ILE A 545 0.05 1.06 22.06
N GLN A 546 -0.93 0.44 21.44
CA GLN A 546 -0.93 -1.01 21.18
C GLN A 546 -0.79 -1.34 19.69
N GLN A 547 -0.05 -2.39 19.43
CA GLN A 547 -0.02 -3.02 18.18
C GLN A 547 -0.33 -4.51 18.42
N THR A 548 -0.43 -5.26 17.35
CA THR A 548 -0.63 -6.67 17.43
C THR A 548 0.72 -7.27 17.66
N SER A 549 0.72 -8.57 17.91
CA SER A 549 1.94 -9.32 18.20
C SER A 549 2.90 -9.27 16.98
N TYR A 550 2.35 -9.28 15.77
CA TYR A 550 3.25 -9.25 14.61
C TYR A 550 3.69 -7.81 14.26
N GLY A 551 2.93 -6.83 14.72
CA GLY A 551 3.39 -5.39 14.63
C GLY A 551 3.05 -4.76 13.29
N THR A 552 3.25 -3.44 13.18
CA THR A 552 3.01 -2.75 11.89
C THR A 552 4.05 -1.60 11.80
N GLN A 553 4.43 -1.24 10.58
CA GLN A 553 5.31 -0.08 10.40
C GLN A 553 4.74 1.14 11.10
N VAL A 554 5.61 1.93 11.70
CA VAL A 554 5.17 3.21 12.35
C VAL A 554 5.95 4.33 11.61
N SER A 555 5.30 5.46 11.26
CA SER A 555 6.01 6.60 10.64
C SER A 555 6.05 7.69 11.67
N ALA A 556 7.06 8.58 11.58
CA ALA A 556 7.33 9.51 12.68
C ALA A 556 8.02 10.71 12.13
N ILE A 557 7.58 11.91 12.55
CA ILE A 557 8.31 13.14 12.21
C ILE A 557 8.53 14.03 13.44
N LYS A 558 9.51 14.92 13.33
CA LYS A 558 9.57 16.00 14.31
C LYS A 558 8.90 17.19 13.68
N TYR A 559 7.89 17.71 14.36
CA TYR A 559 7.13 18.84 13.84
C TYR A 559 7.94 20.17 14.00
N SER A 560 7.81 21.12 13.10
CA SER A 560 8.72 22.29 13.10
C SER A 560 8.26 23.38 14.10
N GLN A 561 6.96 23.38 14.44
CA GLN A 561 6.35 24.39 15.34
C GLN A 561 6.20 23.80 16.77
N LEU A 562 6.20 24.71 17.77
CA LEU A 562 5.94 24.34 19.12
C LEU A 562 4.49 24.05 19.25
N ILE A 563 4.17 23.14 20.15
CA ILE A 563 2.78 22.88 20.46
C ILE A 563 2.71 22.87 22.01
N ASP A 564 1.76 23.64 22.54
CA ASP A 564 1.65 23.92 24.00
C ASP A 564 3.00 24.39 24.51
N GLY A 565 3.61 25.28 23.74
CA GLY A 565 4.97 25.79 24.01
C GLY A 565 6.12 24.79 24.11
N LYS A 566 6.00 23.58 23.54
CA LYS A 566 7.07 22.58 23.61
C LYS A 566 7.33 21.93 22.23
N GLU A 567 8.43 21.23 22.11
CA GLU A 567 8.76 20.71 20.81
C GLU A 567 7.98 19.41 20.70
N ALA A 568 7.61 19.08 19.46
CA ALA A 568 6.68 17.99 19.19
C ALA A 568 7.15 16.99 18.18
N VAL A 569 6.79 15.73 18.46
CA VAL A 569 6.96 14.56 17.59
C VAL A 569 5.54 14.05 17.34
N ILE A 570 5.32 13.66 16.07
CA ILE A 570 4.10 13.02 15.59
C ILE A 570 4.41 11.60 15.10
N LEU A 571 3.69 10.62 15.67
CA LEU A 571 3.79 9.23 15.19
C LEU A 571 2.51 8.87 14.45
N SER A 572 2.61 7.96 13.48
CA SER A 572 1.43 7.44 12.74
C SER A 572 1.49 5.90 12.80
N THR A 573 0.38 5.29 13.22
CA THR A 573 0.37 3.85 13.46
C THR A 573 -1.08 3.37 13.67
N PRO A 574 -1.35 2.06 13.33
CA PRO A 574 -2.59 1.58 13.93
C PRO A 574 -2.45 1.57 15.45
N ASN A 575 -3.56 1.70 16.16
CA ASN A 575 -3.51 1.55 17.62
C ASN A 575 -4.53 0.51 18.02
N SER A 576 -4.14 -0.78 18.08
CA SER A 576 -5.12 -1.89 18.26
C SER A 576 -4.27 -3.14 18.52
N ARG A 577 -4.76 -4.05 19.34
CA ARG A 577 -4.04 -5.29 19.57
C ARG A 577 -4.69 -6.37 18.69
N SER A 578 -5.76 -6.07 17.96
CA SER A 578 -6.48 -7.07 17.17
C SER A 578 -6.02 -7.22 15.75
N GLY A 579 -5.83 -6.11 15.03
CA GLY A 579 -5.46 -6.20 13.64
C GLY A 579 -4.93 -4.82 13.21
N ARG A 580 -4.74 -4.63 11.92
CA ARG A 580 -4.26 -3.33 11.40
C ARG A 580 -5.43 -2.43 11.16
N LYS A 581 -5.79 -1.70 12.21
CA LYS A 581 -6.96 -0.88 12.16
C LYS A 581 -6.87 0.13 13.34
N GLY A 582 -7.82 1.07 13.40
CA GLY A 582 -7.82 2.05 14.55
C GLY A 582 -6.64 2.98 14.32
N GLY A 583 -6.46 3.43 13.08
CA GLY A 583 -5.31 4.28 12.74
C GLY A 583 -5.30 5.56 13.54
N GLN A 584 -4.12 5.94 14.05
CA GLN A 584 -3.98 7.23 14.79
C GLN A 584 -2.73 8.06 14.42
N LEU A 585 -2.82 9.38 14.67
CA LEU A 585 -1.64 10.23 14.78
C LEU A 585 -1.52 10.48 16.28
N VAL A 586 -0.32 10.35 16.82
CA VAL A 586 -0.10 10.60 18.24
C VAL A 586 0.95 11.70 18.34
N VAL A 587 0.61 12.74 19.13
CA VAL A 587 1.44 13.92 19.29
C VAL A 587 2.09 13.83 20.70
N GLY A 588 3.40 13.73 20.71
CA GLY A 588 4.20 13.74 21.95
C GLY A 588 5.03 15.02 22.03
N LEU A 589 5.06 15.57 23.26
CA LEU A 589 5.82 16.77 23.60
C LEU A 589 7.10 16.37 24.28
N VAL A 590 8.19 16.95 23.88
CA VAL A 590 9.49 16.53 24.37
C VAL A 590 9.81 17.29 25.67
N ASN A 591 10.19 16.52 26.70
CA ASN A 591 10.62 17.11 27.98
C ASN A 591 12.12 17.51 27.87
N LYS A 592 12.40 18.80 27.73
CA LYS A 592 13.82 19.20 27.49
C LYS A 592 14.79 18.77 28.61
N GLU A 593 14.31 18.39 29.80
CA GLU A 593 15.23 17.97 30.89
C GLU A 593 15.97 16.70 30.52
N ASP A 594 15.30 15.78 29.82
CA ASP A 594 15.95 14.50 29.58
C ASP A 594 15.65 13.90 28.22
N ASP A 595 15.05 14.69 27.32
CA ASP A 595 14.62 14.19 26.00
C ASP A 595 13.56 13.02 26.04
N SER A 596 12.86 12.90 27.16
CA SER A 596 11.72 12.00 27.26
C SER A 596 10.52 12.67 26.52
N ILE A 597 9.50 11.88 26.17
CA ILE A 597 8.37 12.42 25.39
C ILE A 597 7.10 12.11 26.14
N ASP A 598 6.26 13.12 26.42
CA ASP A 598 4.90 12.91 27.00
C ASP A 598 3.90 12.79 25.85
N TRP A 599 3.37 11.60 25.60
CA TRP A 599 2.35 11.44 24.57
C TRP A 599 1.08 12.10 25.07
N LYS A 600 0.58 13.08 24.36
CA LYS A 600 -0.42 13.91 25.01
C LYS A 600 -1.77 13.93 24.29
N TYR A 601 -1.73 13.86 22.97
CA TYR A 601 -2.93 13.91 22.11
C TYR A 601 -2.93 12.69 21.13
N HIS A 602 -4.08 12.09 20.89
CA HIS A 602 -4.26 10.94 19.92
C HIS A 602 -5.37 11.40 19.01
N TYR A 603 -5.17 11.40 17.68
CA TYR A 603 -6.27 11.67 16.71
C TYR A 603 -6.63 10.40 15.96
N GLY A 604 -7.90 10.03 16.00
CA GLY A 604 -8.39 8.87 15.21
C GLY A 604 -8.57 9.23 13.72
N ILE A 605 -7.80 8.60 12.87
CA ILE A 605 -7.92 8.86 11.40
C ILE A 605 -9.31 8.45 10.86
N ASP A 606 -9.88 7.38 11.43
CA ASP A 606 -11.24 6.95 11.09
C ASP A 606 -11.64 6.02 12.23
N LEU A 607 -12.77 5.34 12.10
CA LEU A 607 -13.30 4.43 13.11
C LEU A 607 -12.29 3.41 13.60
N PRO A 608 -12.36 3.03 14.90
CA PRO A 608 -11.44 2.01 15.44
C PRO A 608 -11.45 0.69 14.62
N SER A 609 -12.57 0.32 14.04
CA SER A 609 -12.73 -0.96 13.33
C SER A 609 -12.35 -0.83 11.83
N TYR A 610 -12.07 0.39 11.32
CA TYR A 610 -11.66 0.55 9.91
C TYR A 610 -10.13 0.40 9.71
N GLY A 611 -9.72 -0.22 8.59
CA GLY A 611 -8.34 -0.57 8.28
C GLY A 611 -7.36 0.58 8.30
N TYR A 612 -6.22 0.34 8.95
CA TYR A 612 -5.11 1.27 8.83
C TYR A 612 -3.83 0.45 9.03
N ALA A 613 -2.99 0.43 8.00
CA ALA A 613 -1.79 -0.37 8.05
C ALA A 613 -0.51 0.47 7.89
N TYR A 614 0.28 0.21 6.85
CA TYR A 614 1.53 1.03 6.69
C TYR A 614 1.18 2.47 6.35
N SER A 615 2.06 3.42 6.73
CA SER A 615 1.67 4.79 6.62
C SER A 615 2.89 5.65 6.43
N ALA A 616 2.64 6.82 5.86
CA ALA A 616 3.69 7.83 5.66
C ALA A 616 3.14 9.17 6.12
N ILE A 617 3.96 9.94 6.85
CA ILE A 617 3.55 11.29 7.27
C ILE A 617 4.61 12.34 6.95
N THR A 618 4.19 13.58 6.65
CA THR A 618 5.20 14.61 6.44
C THR A 618 4.60 15.97 6.80
N GLU A 619 5.42 16.89 7.29
CA GLU A 619 4.91 18.23 7.52
C GLU A 619 4.97 18.92 6.19
N LEU A 620 3.82 19.38 5.70
CA LEU A 620 3.70 20.17 4.44
C LEU A 620 4.32 21.59 4.60
N PRO A 621 4.64 22.25 3.45
CA PRO A 621 5.21 23.63 3.53
C PRO A 621 4.34 24.60 4.34
N ASN A 622 3.04 24.40 4.40
CA ASN A 622 2.12 25.30 5.11
C ASN A 622 1.83 24.79 6.52
N HIS A 623 2.61 23.85 7.00
CA HIS A 623 2.47 23.31 8.36
C HIS A 623 1.33 22.39 8.59
N HIS A 624 0.54 22.06 7.56
CA HIS A 624 -0.44 20.95 7.70
C HIS A 624 0.33 19.63 7.75
N ILE A 625 -0.36 18.52 8.00
CA ILE A 625 0.31 17.24 8.01
C ILE A 625 -0.26 16.45 6.80
N GLY A 626 0.58 15.95 5.95
CA GLY A 626 0.10 15.05 4.86
C GLY A 626 0.22 13.61 5.31
N VAL A 627 -0.85 12.82 5.10
CA VAL A 627 -0.80 11.37 5.50
C VAL A 627 -1.18 10.50 4.31
N LEU A 628 -0.23 9.68 3.84
CA LEU A 628 -0.51 8.70 2.76
C LEU A 628 -0.44 7.32 3.42
N PHE A 629 -1.51 6.54 3.37
CA PHE A 629 -1.54 5.29 4.18
C PHE A 629 -2.42 4.23 3.52
N GLU A 630 -2.15 2.99 3.92
CA GLU A 630 -2.87 1.83 3.45
C GLU A 630 -4.18 1.82 4.24
N LYS A 631 -5.31 2.07 3.59
CA LYS A 631 -6.59 2.07 4.37
C LYS A 631 -7.21 0.70 4.28
N TYR A 632 -6.53 -0.29 4.86
CA TYR A 632 -7.07 -1.67 4.87
C TYR A 632 -6.20 -2.47 5.78
N ASP A 633 -6.70 -3.62 6.16
CA ASP A 633 -5.87 -4.49 6.95
C ASP A 633 -4.94 -5.30 6.07
N SER A 634 -3.71 -4.80 5.95
CA SER A 634 -2.78 -5.44 5.00
C SER A 634 -2.17 -6.72 5.59
N TRP A 635 -2.58 -7.14 6.79
CA TRP A 635 -2.14 -8.43 7.29
C TRP A 635 -3.21 -9.46 7.00
N SER A 636 -4.48 -9.06 7.15
CA SER A 636 -5.57 -10.01 7.01
C SER A 636 -5.62 -10.78 5.65
N ARG A 637 -5.76 -12.11 5.75
CA ARG A 637 -5.94 -12.90 4.53
C ARG A 637 -7.29 -12.67 3.77
N ASN A 638 -8.27 -12.02 4.38
CA ASN A 638 -9.55 -11.79 3.75
C ASN A 638 -9.41 -10.47 2.94
N GLU A 639 -8.37 -9.68 3.20
CA GLU A 639 -8.28 -8.29 2.60
C GLU A 639 -7.17 -8.19 1.58
N LEU A 640 -6.76 -9.33 1.03
CA LEU A 640 -5.70 -9.31 0.02
C LEU A 640 -6.20 -8.72 -1.32
N HIS A 641 -5.28 -8.12 -2.12
CA HIS A 641 -5.64 -7.83 -3.51
C HIS A 641 -6.78 -6.86 -3.63
N LEU A 642 -6.75 -5.81 -2.84
CA LEU A 642 -7.69 -4.70 -2.96
C LEU A 642 -6.99 -3.55 -3.68
N SER A 643 -7.72 -2.90 -4.60
CA SER A 643 -7.25 -1.73 -5.36
C SER A 643 -7.65 -0.40 -4.69
N ASN A 644 -6.78 0.61 -4.85
CA ASN A 644 -7.09 2.02 -4.47
C ASN A 644 -7.43 2.17 -2.96
N VAL A 645 -6.67 1.49 -2.10
CA VAL A 645 -6.81 1.61 -0.68
C VAL A 645 -5.65 2.39 -0.11
N VAL A 646 -4.60 2.63 -0.90
CA VAL A 646 -3.58 3.60 -0.41
C VAL A 646 -4.09 5.01 -0.73
N GLN A 647 -4.36 5.81 0.32
CA GLN A 647 -5.08 7.08 0.13
C GLN A 647 -4.36 8.19 0.88
N TYR A 648 -4.59 9.43 0.47
CA TYR A 648 -3.92 10.62 1.00
C TYR A 648 -4.97 11.59 1.61
N ILE A 649 -4.68 12.02 2.82
CA ILE A 649 -5.49 13.03 3.49
C ILE A 649 -4.58 14.21 3.99
N ASP A 650 -5.22 15.34 4.28
CA ASP A 650 -4.55 16.53 4.74
C ASP A 650 -5.11 16.89 6.12
N LEU A 651 -4.26 17.10 7.13
CA LEU A 651 -4.78 17.44 8.43
C LEU A 651 -4.03 18.65 8.96
N GLU A 652 -4.68 19.43 9.78
CA GLU A 652 -4.04 20.49 10.56
C GLU A 652 -3.82 20.09 11.99
N ILE A 653 -2.89 20.81 12.62
CA ILE A 653 -2.60 20.54 14.04
C ILE A 653 -3.80 20.67 14.94
N ASN A 654 -4.66 21.67 14.71
CA ASN A 654 -5.88 21.86 15.53
C ASN A 654 -6.84 20.69 15.39
N ASP A 655 -6.73 19.93 14.29
CA ASP A 655 -7.51 18.69 14.16
C ASP A 655 -7.06 17.61 15.15
N LEU A 656 -5.77 17.63 15.47
CA LEU A 656 -5.11 16.60 16.24
C LEU A 656 -5.17 16.83 17.75
N THR A 657 -5.27 18.11 18.11
CA THR A 657 -5.07 18.57 19.48
C THR A 657 -6.38 18.81 20.21
N LYS A 658 -7.45 18.26 19.64
CA LYS A 658 -8.49 17.58 20.42
C LYS A 658 -8.49 16.15 19.79
N LEU A 659 -8.13 15.08 20.55
CA LEU A 659 -8.18 15.03 22.04
C LEU A 659 -7.06 14.35 22.88
N GLU A 660 -7.13 14.65 24.18
CA GLU A 660 -6.06 14.42 25.15
C GLU A 660 -5.69 12.94 25.48
#